data_5GT5
#
_entry.id   5GT5
#
_cell.length_a   53.552
_cell.length_b   55.584
_cell.length_c   83.182
_cell.angle_alpha   74.26
_cell.angle_beta   84.40
_cell.angle_gamma   73.51
#
_symmetry.space_group_name_H-M   'P 1'
#
loop_
_entity.id
_entity.type
_entity.pdbx_description
1 polymer 'Pectate lyase'
2 water water
#
_entity_poly.entity_id   1
_entity_poly.type   'polypeptide(L)'
_entity_poly.pdbx_seq_one_letter_code
;MAGNADYNLTGFSQGNTGGGVISESNTAVYKKVYNATDLALALKKNSGVKVVEIMNDLNLGWNEIPSAAQTSPFAKHNDA
LTHPVLKQTGVSKITVDGFNGLTIFSANGSKIKHAAISVKRSSNVIIRNLEFDELWEWDESTKGDYDKNDWDYITLEESS
GVWIDHCVFNKAYDGLVDSKKGTSGVTISWSTFKGDDGSPNSWVTRQINEMEANKASYPMYNYLRSSAVGLSKEDIIAIS
GSQKKGHLVGATSDESANANLSITLHHNVYKDIQDRMPRLRGGNAHAYNIIMDATDARAAQTRITSGMAAAIASKGYKFG
ITSNGAISTESNAVLVEKSVIKDVQYPVRNNQTDPTNATYTGKIRVADTIYSLDGSSFRGSRDTAGSPLAPVPAAIKPFS
WNGFSILPYSYQLDDPSTLNARLTASNGAGAGKLSWSKDNWLKTSY
;
_entity_poly.pdbx_strand_id   A,B
#
# COMPACT_ATOMS: atom_id res chain seq x y z
N GLY A 3 1.00 -5.83 29.89
CA GLY A 3 0.34 -4.87 29.07
C GLY A 3 1.03 -4.53 27.76
N ASN A 4 2.00 -5.32 27.36
CA ASN A 4 2.74 -4.98 26.17
C ASN A 4 1.88 -4.88 24.94
N ALA A 5 0.69 -5.46 24.93
CA ALA A 5 -0.21 -5.29 23.81
C ALA A 5 -0.62 -3.82 23.63
N ASP A 6 -0.45 -3.02 24.68
CA ASP A 6 -0.67 -1.59 24.60
C ASP A 6 0.23 -0.98 23.52
N TYR A 7 1.29 -1.70 23.25
CA TYR A 7 2.31 -1.26 22.28
C TYR A 7 2.13 -1.78 20.85
N ASN A 8 1.06 -2.52 20.62
CA ASN A 8 0.79 -3.01 19.27
C ASN A 8 0.70 -1.92 18.23
N LEU A 9 1.15 -2.25 17.03
CA LEU A 9 0.86 -1.42 15.86
C LEU A 9 -0.64 -1.38 15.62
N THR A 10 -1.20 -0.17 15.52
CA THR A 10 -2.60 0.02 15.15
C THR A 10 -2.71 1.08 14.06
N GLY A 11 -3.91 1.26 13.54
CA GLY A 11 -4.22 2.44 12.73
C GLY A 11 -3.89 2.25 11.27
N PHE A 12 -3.67 3.33 10.53
CA PHE A 12 -3.56 3.21 9.08
C PHE A 12 -2.32 2.45 8.63
N SER A 13 -1.28 2.38 9.48
CA SER A 13 -0.12 1.57 9.15
C SER A 13 -0.31 0.10 9.43
N GLN A 14 -1.53 -0.33 9.76
CA GLN A 14 -1.75 -1.77 9.93
C GLN A 14 -1.25 -2.54 8.70
N GLY A 15 -0.66 -3.71 8.94
CA GLY A 15 -0.18 -4.53 7.83
C GLY A 15 1.30 -4.31 7.50
N ASN A 16 1.89 -3.28 8.08
CA ASN A 16 3.31 -2.98 7.95
C ASN A 16 4.12 -3.87 8.89
N THR A 17 5.02 -4.68 8.36
CA THR A 17 5.88 -5.50 9.22
C THR A 17 7.33 -5.06 9.14
N GLY A 18 7.57 -3.95 8.46
CA GLY A 18 8.93 -3.43 8.33
C GLY A 18 9.91 -4.44 7.76
N GLY A 19 11.08 -4.53 8.36
CA GLY A 19 12.07 -5.49 7.89
C GLY A 19 11.83 -6.88 8.39
N GLY A 20 10.79 -7.08 9.18
CA GLY A 20 10.45 -8.37 9.73
C GLY A 20 11.27 -8.71 10.94
N VAL A 21 11.16 -9.98 11.33
CA VAL A 21 11.97 -10.50 12.41
C VAL A 21 13.22 -11.11 11.77
N ILE A 22 14.34 -10.45 12.03
CA ILE A 22 15.63 -10.82 11.44
C ILE A 22 16.59 -10.91 12.60
N SER A 23 17.42 -11.95 12.64
CA SER A 23 18.44 -12.07 13.68
C SER A 23 19.57 -11.08 13.46
N GLU A 24 20.11 -10.57 14.56
CA GLU A 24 21.25 -9.65 14.49
C GLU A 24 22.48 -10.32 13.89
N SER A 25 22.47 -11.64 13.81
CA SER A 25 23.56 -12.41 13.21
C SER A 25 23.43 -12.55 11.68
N ASN A 26 22.28 -12.12 11.15
CA ASN A 26 22.02 -12.19 9.72
C ASN A 26 22.60 -10.91 9.08
N THR A 27 23.93 -10.88 8.96
CA THR A 27 24.68 -9.66 8.63
C THR A 27 24.44 -9.08 7.24
N ALA A 28 23.94 -9.90 6.32
CA ALA A 28 23.68 -9.36 4.99
C ALA A 28 22.53 -8.35 5.01
N VAL A 29 21.57 -8.60 5.89
CA VAL A 29 20.35 -7.77 5.88
C VAL A 29 20.10 -7.04 7.20
N TYR A 30 20.89 -7.30 8.23
CA TYR A 30 20.79 -6.61 9.52
C TYR A 30 22.09 -5.85 9.69
N LYS A 31 22.03 -4.53 9.65
CA LYS A 31 23.22 -3.70 9.73
C LYS A 31 23.29 -2.93 11.03
N LYS A 32 24.38 -3.10 11.77
CA LYS A 32 24.65 -2.33 12.98
C LYS A 32 25.41 -1.10 12.59
N VAL A 33 24.85 0.04 12.96
CA VAL A 33 25.37 1.32 12.50
C VAL A 33 26.01 2.09 13.66
N TYR A 34 27.31 2.36 13.51
CA TYR A 34 28.08 3.04 14.56
C TYR A 34 28.45 4.45 14.18
N ASN A 35 28.37 4.76 12.89
CA ASN A 35 28.80 6.04 12.38
C ASN A 35 28.08 6.34 11.08
N ALA A 36 28.33 7.52 10.53
CA ALA A 36 27.61 7.99 9.35
C ALA A 36 27.89 7.14 8.13
N THR A 37 29.12 6.62 8.00
CA THR A 37 29.45 5.78 6.84
C THR A 37 28.66 4.47 6.85
N ASP A 38 28.57 3.83 8.01
CA ASP A 38 27.72 2.65 8.19
C ASP A 38 26.30 2.97 7.78
N LEU A 39 25.78 4.13 8.18
CA LEU A 39 24.40 4.47 7.84
C LEU A 39 24.25 4.67 6.33
N ALA A 40 25.20 5.37 5.72
CA ALA A 40 25.18 5.62 4.31
C ALA A 40 25.19 4.32 3.51
N LEU A 41 26.01 3.37 3.94
CA LEU A 41 26.04 2.09 3.26
C LEU A 41 24.76 1.31 3.43
N ALA A 42 24.17 1.33 4.63
CA ALA A 42 22.97 0.58 4.93
C ALA A 42 21.73 1.11 4.19
N LEU A 43 21.64 2.45 4.08
CA LEU A 43 20.43 3.10 3.53
C LEU A 43 20.57 3.50 2.07
N LYS A 44 21.65 3.09 1.41
CA LYS A 44 21.83 3.33 -0.03
C LYS A 44 20.70 2.65 -0.78
N LYS A 45 20.15 3.34 -1.77
CA LYS A 45 19.06 2.76 -2.57
C LYS A 45 19.45 1.38 -3.09
N ASN A 46 18.52 0.44 -2.95
CA ASN A 46 18.70 -0.95 -3.37
C ASN A 46 19.74 -1.73 -2.61
N SER A 47 20.05 -1.29 -1.40
CA SER A 47 20.99 -2.04 -0.58
C SER A 47 20.40 -3.40 -0.17
N GLY A 48 19.07 -3.47 -0.12
CA GLY A 48 18.39 -4.68 0.32
C GLY A 48 18.36 -4.91 1.83
N VAL A 49 18.89 -3.94 2.56
CA VAL A 49 18.96 -4.07 4.01
C VAL A 49 17.56 -4.03 4.58
N LYS A 50 17.27 -4.93 5.54
CA LYS A 50 15.97 -5.05 6.18
C LYS A 50 15.89 -4.40 7.54
N VAL A 51 16.95 -4.50 8.35
CA VAL A 51 16.98 -3.91 9.68
C VAL A 51 18.24 -3.11 9.82
N VAL A 52 18.08 -1.87 10.27
CA VAL A 52 19.19 -1.00 10.64
C VAL A 52 19.11 -0.76 12.16
N GLU A 53 20.12 -1.25 12.92
CA GLU A 53 20.22 -0.98 14.34
C GLU A 53 21.24 0.14 14.56
N ILE A 54 20.75 1.30 14.96
CA ILE A 54 21.60 2.42 15.34
C ILE A 54 22.17 2.10 16.73
N MET A 55 23.48 2.10 16.86
CA MET A 55 24.14 1.57 18.06
C MET A 55 24.46 2.64 19.09
N ASN A 56 24.53 3.88 18.65
CA ASN A 56 24.92 5.00 19.52
C ASN A 56 24.40 6.29 18.91
N ASP A 57 24.50 7.41 19.62
CA ASP A 57 24.14 8.69 19.04
C ASP A 57 24.92 8.92 17.74
N LEU A 58 24.26 9.55 16.78
CA LEU A 58 24.88 9.88 15.51
C LEU A 58 24.88 11.37 15.24
N ASN A 59 26.06 11.91 14.93
CA ASN A 59 26.22 13.32 14.59
C ASN A 59 26.41 13.39 13.10
N LEU A 60 25.34 13.78 12.41
CA LEU A 60 25.23 13.51 10.98
C LEU A 60 25.30 14.77 10.08
N GLY A 61 25.82 15.87 10.63
CA GLY A 61 25.97 17.06 9.82
C GLY A 61 26.97 16.91 8.68
N TRP A 62 26.72 17.60 7.58
CA TRP A 62 27.50 17.42 6.34
C TRP A 62 28.99 17.69 6.54
N ASN A 63 29.35 18.64 7.41
CA ASN A 63 30.77 18.95 7.67
C ASN A 63 31.46 18.10 8.75
N GLU A 64 30.72 17.29 9.48
CA GLU A 64 31.33 16.49 10.52
C GLU A 64 31.43 15.01 10.21
N ILE A 65 30.68 14.57 9.21
CA ILE A 65 30.70 13.15 8.85
C ILE A 65 31.94 12.79 8.05
N PRO A 66 32.29 11.50 8.03
CA PRO A 66 33.45 11.12 7.22
C PRO A 66 33.23 11.41 5.75
N SER A 67 34.30 11.69 5.01
CA SER A 67 34.21 11.91 3.58
C SER A 67 33.49 10.77 2.86
N ALA A 68 33.70 9.54 3.32
CA ALA A 68 33.08 8.38 2.70
C ALA A 68 31.55 8.39 2.85
N ALA A 69 31.05 9.16 3.81
CA ALA A 69 29.59 9.25 3.99
C ALA A 69 28.99 10.37 3.16
N GLN A 70 29.81 11.20 2.53
CA GLN A 70 29.31 12.33 1.77
C GLN A 70 28.88 11.92 0.37
N THR A 71 27.86 11.07 0.30
CA THR A 71 27.40 10.54 -0.96
C THR A 71 26.00 10.00 -0.71
N SER A 72 25.19 9.89 -1.76
CA SER A 72 23.84 9.32 -1.60
C SER A 72 23.93 8.04 -0.78
N PRO A 73 23.06 7.89 0.22
CA PRO A 73 21.83 8.66 0.48
C PRO A 73 21.97 9.96 1.25
N PHE A 74 23.19 10.38 1.60
CA PHE A 74 23.41 11.70 2.22
C PHE A 74 23.62 12.78 1.18
N ALA A 75 23.08 13.97 1.47
CA ALA A 75 23.38 15.16 0.68
C ALA A 75 23.48 16.33 1.62
N LYS A 76 24.15 17.39 1.18
CA LYS A 76 24.19 18.62 1.97
C LYS A 76 22.79 19.26 1.95
N HIS A 77 22.30 19.62 3.13
CA HIS A 77 21.03 20.36 3.22
C HIS A 77 21.26 21.86 3.04
N ASN A 78 20.21 22.65 3.06
CA ASN A 78 20.39 24.08 3.06
C ASN A 78 21.24 24.50 4.26
N ASP A 79 22.11 25.46 4.02
CA ASP A 79 23.12 25.86 4.99
C ASP A 79 22.55 26.38 6.29
N ALA A 80 23.23 26.07 7.39
CA ALA A 80 22.96 26.74 8.64
C ALA A 80 23.47 28.16 8.50
N LEU A 81 22.61 29.12 8.85
CA LEU A 81 22.94 30.55 8.75
C LEU A 81 23.18 31.21 10.09
N THR A 82 22.71 30.60 11.19
CA THR A 82 22.71 31.32 12.48
C THR A 82 23.16 30.53 13.72
N HIS A 83 22.90 29.22 13.78
CA HIS A 83 23.24 28.51 15.01
C HIS A 83 24.74 28.25 15.04
N PRO A 84 25.42 28.69 16.12
CA PRO A 84 26.88 28.52 16.14
C PRO A 84 27.35 27.06 16.00
N VAL A 85 26.59 26.11 16.52
CA VAL A 85 26.99 24.71 16.43
C VAL A 85 26.79 24.22 15.01
N LEU A 86 25.63 24.51 14.43
CA LEU A 86 25.29 24.00 13.11
C LEU A 86 26.15 24.62 12.02
N LYS A 87 26.62 25.85 12.24
CA LYS A 87 27.54 26.46 11.28
C LYS A 87 28.83 25.66 11.17
N GLN A 88 29.24 25.01 12.26
CA GLN A 88 30.39 24.11 12.26
C GLN A 88 30.06 22.73 11.72
N THR A 89 29.00 22.13 12.25
CA THR A 89 28.69 20.74 11.90
C THR A 89 28.11 20.56 10.50
N GLY A 90 27.44 21.58 9.99
CA GLY A 90 26.62 21.46 8.80
C GLY A 90 25.38 20.64 9.13
N VAL A 91 24.56 20.48 8.11
CA VAL A 91 23.28 19.76 8.22
C VAL A 91 23.14 18.92 6.95
N SER A 92 22.79 17.65 7.12
CA SER A 92 22.58 16.75 5.99
C SER A 92 21.11 16.46 5.76
N LYS A 93 20.81 15.99 4.55
CA LYS A 93 19.52 15.39 4.26
C LYS A 93 19.78 13.95 3.83
N ILE A 94 19.15 13.00 4.51
CA ILE A 94 19.34 11.58 4.24
C ILE A 94 18.08 11.05 3.61
N THR A 95 18.19 10.59 2.36
CA THR A 95 17.01 10.16 1.61
C THR A 95 16.94 8.64 1.50
N VAL A 96 15.93 8.07 2.14
CA VAL A 96 15.64 6.64 2.08
C VAL A 96 14.68 6.46 0.93
N ASP A 97 15.18 5.84 -0.15
CA ASP A 97 14.47 5.85 -1.44
C ASP A 97 14.28 4.43 -1.94
N GLY A 98 13.04 4.06 -2.22
CA GLY A 98 12.80 2.81 -2.90
C GLY A 98 12.88 1.57 -2.02
N PHE A 99 12.76 1.70 -0.71
CA PHE A 99 12.79 0.56 0.20
C PHE A 99 11.44 -0.11 0.32
N ASN A 100 11.43 -1.44 0.42
CA ASN A 100 10.21 -2.17 0.75
C ASN A 100 10.45 -3.12 1.90
N GLY A 101 10.00 -2.71 3.07
CA GLY A 101 10.14 -3.54 4.24
C GLY A 101 11.44 -3.25 4.92
N LEU A 102 11.45 -2.23 5.76
CA LEU A 102 12.67 -1.76 6.41
C LEU A 102 12.34 -1.35 7.83
N THR A 103 13.14 -1.76 8.80
CA THR A 103 13.04 -1.28 10.17
C THR A 103 14.32 -0.59 10.58
N ILE A 104 14.18 0.63 11.11
CA ILE A 104 15.31 1.38 11.67
C ILE A 104 15.01 1.61 13.14
N PHE A 105 15.92 1.26 14.03
CA PHE A 105 15.64 1.39 15.45
C PHE A 105 16.94 1.51 16.21
N SER A 106 16.82 1.83 17.52
CA SER A 106 17.95 1.61 18.43
C SER A 106 17.47 0.91 19.68
N ALA A 107 18.40 0.27 20.39
CA ALA A 107 18.06 -0.46 21.58
C ALA A 107 17.82 0.45 22.78
N ASN A 108 18.43 1.63 22.81
CA ASN A 108 18.34 2.45 24.01
C ASN A 108 18.13 3.93 23.79
N GLY A 109 17.46 4.26 22.69
CA GLY A 109 17.05 5.63 22.48
C GLY A 109 18.17 6.53 22.00
N SER A 110 18.99 6.05 21.07
CA SER A 110 20.05 6.85 20.47
C SER A 110 19.49 8.07 19.74
N LYS A 111 20.31 9.11 19.67
CA LYS A 111 19.94 10.39 19.06
C LYS A 111 20.45 10.51 17.63
N ILE A 112 19.63 11.10 16.77
CA ILE A 112 19.98 11.44 15.39
C ILE A 112 20.06 12.96 15.35
N LYS A 113 21.26 13.51 15.12
CA LYS A 113 21.50 14.97 15.21
C LYS A 113 22.02 15.53 13.90
N HIS A 114 21.55 16.74 13.57
CA HIS A 114 22.09 17.55 12.47
C HIS A 114 21.72 17.01 11.13
N ALA A 115 20.61 16.27 11.08
CA ALA A 115 20.16 15.72 9.78
C ALA A 115 18.66 15.56 9.68
N ALA A 116 18.16 15.86 8.48
CA ALA A 116 16.76 15.55 8.11
C ALA A 116 16.71 14.19 7.42
N ILE A 117 15.63 13.46 7.65
CA ILE A 117 15.36 12.19 6.96
C ILE A 117 14.19 12.36 6.01
N SER A 118 14.38 11.95 4.77
CA SER A 118 13.32 11.98 3.77
C SER A 118 13.09 10.54 3.33
N VAL A 119 11.86 10.08 3.50
CA VAL A 119 11.46 8.75 3.02
C VAL A 119 10.68 8.95 1.75
N LYS A 120 11.20 8.42 0.64
CA LYS A 120 10.54 8.60 -0.67
C LYS A 120 10.32 7.27 -1.32
N ARG A 121 9.17 7.13 -1.95
CA ARG A 121 8.91 5.98 -2.83
C ARG A 121 9.19 4.66 -2.09
N SER A 122 8.82 4.59 -0.82
CA SER A 122 9.11 3.41 0.01
C SER A 122 7.82 2.84 0.59
N SER A 123 7.88 1.59 1.01
CA SER A 123 6.73 0.94 1.62
C SER A 123 7.17 0.12 2.80
N ASN A 124 6.27 0.03 3.77
CA ASN A 124 6.45 -0.78 4.96
C ASN A 124 7.74 -0.45 5.70
N VAL A 125 7.81 0.78 6.15
CA VAL A 125 8.95 1.31 6.90
C VAL A 125 8.57 1.47 8.36
N ILE A 126 9.41 0.99 9.27
CA ILE A 126 9.21 1.13 10.70
C ILE A 126 10.43 1.88 11.26
N ILE A 127 10.16 2.92 12.05
CA ILE A 127 11.21 3.74 12.70
C ILE A 127 10.87 3.81 14.18
N ARG A 128 11.72 3.23 15.03
CA ARG A 128 11.38 3.14 16.46
C ARG A 128 12.53 3.42 17.41
N ASN A 129 12.16 3.99 18.56
CA ASN A 129 13.09 4.20 19.69
C ASN A 129 14.31 5.04 19.35
N LEU A 130 14.06 6.12 18.60
CA LEU A 130 15.10 7.08 18.26
C LEU A 130 14.69 8.47 18.70
N GLU A 131 15.66 9.26 19.16
CA GLU A 131 15.45 10.66 19.49
C GLU A 131 16.11 11.53 18.43
N PHE A 132 15.40 12.57 18.03
CA PHE A 132 15.80 13.47 16.98
C PHE A 132 16.02 14.85 17.58
N ASP A 133 17.21 15.42 17.34
CA ASP A 133 17.57 16.67 18.01
C ASP A 133 18.52 17.50 17.17
N GLU A 134 18.63 18.78 17.53
CA GLU A 134 19.60 19.73 16.97
C GLU A 134 19.42 19.94 15.47
N LEU A 135 18.21 20.34 15.13
CA LEU A 135 17.82 20.65 13.75
C LEU A 135 16.99 21.93 13.72
N TRP A 136 17.26 22.84 14.68
CA TRP A 136 16.61 24.16 14.70
C TRP A 136 17.68 25.23 14.78
N GLU A 137 17.43 26.37 14.13
CA GLU A 137 18.21 27.60 14.35
C GLU A 137 17.28 28.77 14.18
N TRP A 138 17.71 29.92 14.70
CA TRP A 138 16.96 31.17 14.62
C TRP A 138 16.83 31.65 13.17
N ASP A 139 15.66 32.20 12.85
CA ASP A 139 15.43 32.68 11.49
C ASP A 139 15.52 34.20 11.35
N GLU A 140 16.64 34.69 10.81
CA GLU A 140 16.71 36.06 10.34
C GLU A 140 16.24 36.20 8.89
N SER A 141 16.63 35.26 8.02
CA SER A 141 16.41 35.40 6.59
C SER A 141 14.96 35.64 6.19
N THR A 142 14.04 34.93 6.83
CA THR A 142 12.62 35.12 6.54
C THR A 142 11.82 35.71 7.71
N LYS A 143 12.54 36.43 8.56
CA LYS A 143 11.93 37.38 9.50
C LYS A 143 10.93 36.72 10.43
N GLY A 144 11.23 35.50 10.84
CA GLY A 144 10.38 34.77 11.75
C GLY A 144 9.43 33.79 11.11
N ASP A 145 9.38 33.79 9.78
CA ASP A 145 8.52 32.85 9.04
C ASP A 145 9.05 31.42 8.93
N TYR A 146 10.35 31.21 9.16
CA TYR A 146 10.97 29.88 9.01
C TYR A 146 10.67 29.29 7.65
N ASP A 147 10.94 30.07 6.60
CA ASP A 147 10.61 29.64 5.24
C ASP A 147 11.81 29.32 4.37
N LYS A 148 13.02 29.46 4.88
CA LYS A 148 14.21 29.26 4.07
C LYS A 148 14.83 27.86 4.19
N ASN A 149 15.19 27.46 5.41
CA ASN A 149 16.04 26.27 5.54
C ASN A 149 15.36 24.97 5.14
N ASP A 150 14.06 24.89 5.40
CA ASP A 150 13.26 23.69 5.06
C ASP A 150 13.80 22.43 5.75
N TRP A 151 14.31 22.57 6.97
CA TRP A 151 14.76 21.41 7.73
C TRP A 151 13.62 20.79 8.53
N ASP A 152 13.30 19.52 8.28
CA ASP A 152 12.26 18.78 8.99
C ASP A 152 12.87 17.49 9.48
N TYR A 153 12.49 16.96 10.64
CA TYR A 153 13.12 15.73 11.06
C TYR A 153 12.79 14.55 10.14
N ILE A 154 11.52 14.36 9.84
CA ILE A 154 11.12 13.25 8.94
C ILE A 154 10.07 13.78 7.98
N THR A 155 10.28 13.54 6.68
CA THR A 155 9.31 13.84 5.63
C THR A 155 9.02 12.54 4.93
N LEU A 156 7.75 12.25 4.75
CA LEU A 156 7.34 11.06 4.02
C LEU A 156 6.74 11.52 2.68
N GLU A 157 7.19 10.94 1.57
CA GLU A 157 6.70 11.34 0.25
C GLU A 157 6.41 10.14 -0.61
N GLU A 158 5.24 10.15 -1.25
CA GLU A 158 4.80 9.04 -2.13
C GLU A 158 5.14 7.66 -1.62
N SER A 159 4.87 7.47 -0.33
CA SER A 159 5.17 6.22 0.39
C SER A 159 3.87 5.59 0.92
N SER A 160 3.97 4.35 1.40
CA SER A 160 2.82 3.58 1.83
C SER A 160 3.21 2.67 2.97
N GLY A 161 2.59 2.86 4.14
CA GLY A 161 2.89 2.02 5.29
C GLY A 161 4.14 2.48 6.02
N VAL A 162 3.96 3.38 6.98
CA VAL A 162 5.03 3.92 7.77
C VAL A 162 4.57 3.94 9.22
N TRP A 163 5.34 3.31 10.10
CA TRP A 163 5.09 3.34 11.53
C TRP A 163 6.27 4.03 12.20
N ILE A 164 6.02 5.16 12.83
CA ILE A 164 6.99 5.86 13.66
C ILE A 164 6.52 5.71 15.09
N ASP A 165 7.33 5.11 15.97
CA ASP A 165 6.83 4.72 17.27
C ASP A 165 7.90 4.77 18.35
N HIS A 166 7.53 5.24 19.54
CA HIS A 166 8.52 5.40 20.62
C HIS A 166 9.72 6.24 20.20
N CYS A 167 9.43 7.32 19.49
CA CYS A 167 10.46 8.29 19.16
C CYS A 167 10.24 9.58 19.91
N VAL A 168 11.28 10.39 19.98
CA VAL A 168 11.25 11.70 20.62
C VAL A 168 11.78 12.75 19.66
N PHE A 169 11.08 13.87 19.56
CA PHE A 169 11.45 14.96 18.66
C PHE A 169 11.56 16.24 19.47
N ASN A 170 12.64 16.98 19.21
CA ASN A 170 12.89 18.26 19.87
C ASN A 170 12.58 19.39 18.88
N LYS A 171 13.19 20.55 19.02
CA LYS A 171 12.88 21.67 18.13
C LYS A 171 13.36 21.38 16.71
N ALA A 172 12.58 21.80 15.74
CA ALA A 172 13.01 21.79 14.35
C ALA A 172 12.71 23.14 13.72
N TYR A 173 13.56 23.53 12.77
CA TYR A 173 13.36 24.75 12.02
C TYR A 173 11.98 24.78 11.38
N ASP A 174 11.62 23.69 10.71
CA ASP A 174 10.29 23.58 10.09
CA ASP A 174 10.33 23.49 10.10
C ASP A 174 9.51 22.47 10.80
N GLY A 175 9.16 21.41 10.10
CA GLY A 175 8.28 20.42 10.69
C GLY A 175 8.95 19.27 11.43
N LEU A 176 8.14 18.57 12.20
CA LEU A 176 8.62 17.42 12.96
C LEU A 176 8.46 16.16 12.12
N VAL A 177 7.23 15.75 11.83
CA VAL A 177 7.02 14.65 10.89
C VAL A 177 5.93 15.12 9.94
N ASP A 178 6.28 15.24 8.66
CA ASP A 178 5.38 15.71 7.60
C ASP A 178 5.12 14.58 6.66
N SER A 179 3.93 14.58 6.08
CA SER A 179 3.53 13.51 5.18
C SER A 179 2.96 14.14 3.93
N LYS A 180 3.51 13.80 2.76
CA LYS A 180 3.26 14.54 1.54
C LYS A 180 3.09 13.63 0.33
N LYS A 181 2.62 14.22 -0.76
CA LYS A 181 2.58 13.57 -2.05
C LYS A 181 1.85 12.21 -1.97
N GLY A 182 0.67 12.25 -1.36
CA GLY A 182 -0.21 11.10 -1.37
C GLY A 182 0.20 9.97 -0.45
N THR A 183 1.16 10.19 0.43
CA THR A 183 1.57 9.15 1.36
C THR A 183 0.38 8.67 2.21
N SER A 184 0.18 7.37 2.25
CA SER A 184 -0.91 6.74 3.01
C SER A 184 -0.38 5.67 3.97
N GLY A 185 -1.21 5.27 4.93
CA GLY A 185 -0.87 4.18 5.82
C GLY A 185 0.14 4.55 6.89
N VAL A 186 0.01 5.74 7.47
CA VAL A 186 0.99 6.20 8.45
C VAL A 186 0.37 6.10 9.86
N THR A 187 1.15 5.53 10.79
CA THR A 187 0.81 5.59 12.21
C THR A 187 1.98 6.17 12.95
N ILE A 188 1.70 7.18 13.77
CA ILE A 188 2.69 7.67 14.70
C ILE A 188 2.21 7.47 16.13
N SER A 189 2.95 6.66 16.91
CA SER A 189 2.44 6.28 18.24
C SER A 189 3.50 6.30 19.31
N TRP A 190 3.06 6.47 20.55
CA TRP A 190 3.93 6.36 21.71
C TRP A 190 5.14 7.28 21.61
N SER A 191 4.94 8.47 21.06
CA SER A 191 6.06 9.39 20.77
C SER A 191 5.90 10.73 21.49
N THR A 192 7.04 11.34 21.76
CA THR A 192 7.09 12.64 22.42
C THR A 192 7.57 13.70 21.45
N PHE A 193 6.87 14.84 21.41
CA PHE A 193 7.23 16.00 20.63
C PHE A 193 7.30 17.12 21.63
N LYS A 194 8.48 17.73 21.80
CA LYS A 194 8.65 18.74 22.84
C LYS A 194 9.50 19.89 22.36
N GLY A 195 9.34 20.99 23.06
CA GLY A 195 10.17 22.16 22.83
C GLY A 195 11.40 22.19 23.71
N ASP A 196 12.04 23.34 23.70
CA ASP A 196 13.25 23.59 24.48
C ASP A 196 12.87 23.96 25.92
N ASP A 197 13.64 23.51 26.90
CA ASP A 197 13.27 23.78 28.29
C ASP A 197 13.86 25.03 28.91
N GLY A 198 14.67 25.75 28.15
CA GLY A 198 15.20 27.02 28.63
C GLY A 198 16.29 26.93 29.69
N SER A 199 16.88 25.75 29.88
CA SER A 199 17.99 25.62 30.80
C SER A 199 19.19 26.41 30.26
N PRO A 200 20.15 26.75 31.15
CA PRO A 200 21.24 27.68 30.77
C PRO A 200 22.15 27.21 29.66
N ASN A 201 22.20 25.91 29.37
CA ASN A 201 22.92 25.43 28.19
C ASN A 201 22.00 24.75 27.19
N SER A 202 20.72 25.10 27.20
CA SER A 202 19.83 24.49 26.22
C SER A 202 20.20 24.90 24.80
N TRP A 203 19.71 24.13 23.85
CA TRP A 203 19.97 24.41 22.45
C TRP A 203 19.55 25.82 22.01
N VAL A 204 18.36 26.21 22.45
CA VAL A 204 17.86 27.55 22.18
C VAL A 204 18.68 28.62 22.92
N THR A 205 19.05 28.36 24.16
CA THR A 205 19.86 29.33 24.89
C THR A 205 21.22 29.56 24.24
N ARG A 206 21.84 28.48 23.75
CA ARG A 206 23.09 28.63 23.02
C ARG A 206 22.94 29.49 21.78
N GLN A 207 21.82 29.32 21.06
CA GLN A 207 21.59 30.18 19.91
C GLN A 207 21.43 31.66 20.34
N ILE A 208 20.64 31.90 21.37
CA ILE A 208 20.38 33.27 21.79
C ILE A 208 21.67 33.92 22.36
N ASN A 209 22.46 33.17 23.11
CA ASN A 209 23.70 33.72 23.65
C ASN A 209 24.64 34.23 22.56
N GLU A 210 24.73 33.49 21.47
CA GLU A 210 25.58 33.91 20.35
C GLU A 210 25.12 35.27 19.83
N MET A 211 23.81 35.45 19.69
CA MET A 211 23.29 36.69 19.13
C MET A 211 23.42 37.83 20.12
N GLU A 212 23.22 37.55 21.40
CA GLU A 212 23.32 38.59 22.43
C GLU A 212 24.71 39.21 22.45
N ALA A 213 25.72 38.41 22.11
CA ALA A 213 27.11 38.86 22.08
C ALA A 213 27.47 39.61 20.80
N ASN A 214 26.58 39.58 19.81
CA ASN A 214 26.89 40.10 18.50
C ASN A 214 25.63 40.68 17.87
N LYS A 215 24.93 41.53 18.62
CA LYS A 215 23.56 41.91 18.22
C LYS A 215 23.40 42.53 16.84
N ALA A 216 24.37 43.35 16.41
CA ALA A 216 24.27 44.01 15.13
C ALA A 216 24.21 43.05 13.96
N SER A 217 24.70 41.83 14.17
CA SER A 217 24.75 40.85 13.09
C SER A 217 23.43 40.15 12.90
N TYR A 218 22.47 40.43 13.77
CA TYR A 218 21.17 39.75 13.75
C TYR A 218 20.06 40.79 13.87
N PRO A 219 19.65 41.38 12.74
CA PRO A 219 18.74 42.55 12.81
C PRO A 219 17.40 42.30 13.52
N MET A 220 16.76 41.16 13.28
CA MET A 220 15.51 40.88 13.97
C MET A 220 15.71 40.74 15.47
N TYR A 221 16.66 39.91 15.87
CA TYR A 221 16.98 39.76 17.28
C TYR A 221 17.30 41.10 17.91
N ASN A 222 18.13 41.88 17.22
CA ASN A 222 18.50 43.22 17.71
C ASN A 222 17.27 44.11 17.89
N TYR A 223 16.35 44.09 16.93
CA TYR A 223 15.14 44.86 17.04
C TYR A 223 14.28 44.43 18.24
N LEU A 224 14.12 43.12 18.40
CA LEU A 224 13.33 42.61 19.52
C LEU A 224 13.90 43.03 20.88
N ARG A 225 15.23 43.05 21.00
CA ARG A 225 15.91 43.48 22.23
C ARG A 225 15.93 44.99 22.42
N SER A 226 15.69 45.72 21.33
CA SER A 226 15.80 47.18 21.34
C SER A 226 14.65 47.84 22.06
N SER A 227 14.80 49.14 22.31
CA SER A 227 13.75 49.91 22.96
C SER A 227 12.47 50.03 22.14
N ALA A 228 12.47 49.60 20.88
CA ALA A 228 11.22 49.57 20.13
C ALA A 228 10.28 48.48 20.64
N VAL A 229 10.86 47.42 21.21
CA VAL A 229 10.08 46.28 21.66
C VAL A 229 10.31 45.98 23.14
N GLY A 230 11.56 45.87 23.58
CA GLY A 230 11.83 45.71 25.00
C GLY A 230 11.84 44.29 25.53
N LEU A 231 11.99 43.31 24.64
CA LEU A 231 12.12 41.93 25.12
C LEU A 231 13.49 41.69 25.71
N SER A 232 13.54 40.97 26.81
CA SER A 232 14.82 40.56 27.36
C SER A 232 15.37 39.31 26.64
N LYS A 233 16.65 39.03 26.81
CA LYS A 233 17.20 37.77 26.29
C LYS A 233 16.44 36.57 26.85
N GLU A 234 16.13 36.60 28.13
CA GLU A 234 15.37 35.55 28.76
C GLU A 234 13.98 35.43 28.15
N ASP A 235 13.33 36.55 27.85
CA ASP A 235 12.01 36.53 27.20
C ASP A 235 12.12 35.84 25.88
N ILE A 236 13.16 36.18 25.11
CA ILE A 236 13.30 35.59 23.76
C ILE A 236 13.59 34.09 23.83
N ILE A 237 14.40 33.66 24.78
CA ILE A 237 14.59 32.24 24.96
C ILE A 237 13.27 31.54 25.32
N ALA A 238 12.48 32.11 26.21
CA ALA A 238 11.21 31.48 26.61
C ALA A 238 10.22 31.41 25.45
N ILE A 239 10.11 32.48 24.68
CA ILE A 239 9.16 32.53 23.58
C ILE A 239 9.62 31.59 22.43
N SER A 240 10.92 31.47 22.25
CA SER A 240 11.49 30.59 21.22
C SER A 240 11.51 29.15 21.65
N GLY A 241 11.18 28.85 22.91
CA GLY A 241 11.28 27.48 23.39
C GLY A 241 10.28 26.53 22.77
N SER A 242 9.07 26.99 22.55
CA SER A 242 8.05 26.12 21.93
C SER A 242 8.30 25.87 20.45
N GLN A 243 7.83 24.72 19.99
CA GLN A 243 8.04 24.31 18.58
C GLN A 243 6.95 24.92 17.71
N LYS A 244 7.31 25.57 16.61
CA LYS A 244 6.31 26.31 15.82
C LYS A 244 5.38 25.39 15.04
N LYS A 245 5.89 24.32 14.47
CA LYS A 245 5.11 23.47 13.55
C LYS A 245 5.22 21.99 13.92
N GLY A 246 4.08 21.28 13.96
CA GLY A 246 4.06 19.87 14.23
C GLY A 246 4.09 18.98 13.01
N HIS A 247 2.91 18.56 12.53
CA HIS A 247 2.74 17.67 11.40
C HIS A 247 2.02 18.36 10.23
N LEU A 248 2.69 18.53 9.10
CA LEU A 248 2.06 18.99 7.87
C LEU A 248 1.68 17.76 7.07
N VAL A 249 0.38 17.53 6.94
CA VAL A 249 -0.12 16.35 6.21
C VAL A 249 -0.85 16.85 4.96
N GLY A 250 -0.11 16.92 3.85
CA GLY A 250 -0.58 17.51 2.61
C GLY A 250 -0.02 18.90 2.53
N ALA A 251 0.98 19.07 1.68
CA ALA A 251 1.73 20.34 1.68
C ALA A 251 1.30 21.35 0.64
N THR A 252 0.54 20.92 -0.36
CA THR A 252 0.18 21.82 -1.46
C THR A 252 -1.34 21.96 -1.55
N SER A 253 -1.84 23.19 -1.64
CA SER A 253 -3.26 23.41 -1.65
C SER A 253 -3.95 22.76 -2.86
N ASP A 254 -5.04 22.03 -2.57
CA ASP A 254 -5.98 21.47 -3.56
C ASP A 254 -5.35 20.47 -4.54
N GLU A 255 -4.31 19.78 -4.10
CA GLU A 255 -3.76 18.71 -4.93
C GLU A 255 -4.59 17.47 -4.77
N SER A 256 -4.92 16.82 -5.88
CA SER A 256 -5.78 15.65 -5.80
C SER A 256 -5.18 14.50 -5.00
N ALA A 257 -3.85 14.38 -4.98
CA ALA A 257 -3.21 13.35 -4.17
C ALA A 257 -3.45 13.52 -2.66
N ASN A 258 -3.85 14.70 -2.22
CA ASN A 258 -4.11 14.91 -0.80
C ASN A 258 -5.25 14.03 -0.33
N ALA A 259 -6.16 13.66 -1.25
CA ALA A 259 -7.28 12.82 -0.85
C ALA A 259 -6.81 11.46 -0.38
N ASN A 260 -5.60 11.08 -0.77
CA ASN A 260 -5.07 9.77 -0.41
C ASN A 260 -4.32 9.71 0.91
N LEU A 261 -4.06 10.89 1.48
CA LEU A 261 -3.33 10.93 2.75
C LEU A 261 -4.10 10.26 3.85
N SER A 262 -3.44 9.39 4.60
CA SER A 262 -4.05 8.84 5.80
C SER A 262 -3.00 8.73 6.89
N ILE A 263 -3.42 9.13 8.09
CA ILE A 263 -2.54 9.11 9.24
C ILE A 263 -3.29 8.88 10.55
N THR A 264 -2.70 8.05 11.42
CA THR A 264 -3.19 7.83 12.78
C THR A 264 -2.13 8.33 13.73
N LEU A 265 -2.55 9.13 14.72
CA LEU A 265 -1.68 9.58 15.84
C LEU A 265 -2.27 9.03 17.14
N HIS A 266 -1.48 8.37 17.97
CA HIS A 266 -2.05 7.91 19.24
C HIS A 266 -1.01 7.70 20.31
N HIS A 267 -1.42 7.96 21.56
CA HIS A 267 -0.50 7.85 22.71
C HIS A 267 0.76 8.68 22.49
N ASN A 268 0.57 9.85 21.89
CA ASN A 268 1.66 10.82 21.72
C ASN A 268 1.47 11.99 22.65
N VAL A 269 2.59 12.57 23.06
CA VAL A 269 2.57 13.82 23.85
C VAL A 269 3.14 14.94 23.00
N TYR A 270 2.37 16.01 22.81
CA TYR A 270 2.80 17.21 22.09
C TYR A 270 2.95 18.31 23.12
N LYS A 271 4.17 18.49 23.63
CA LYS A 271 4.43 19.44 24.69
C LYS A 271 5.01 20.72 24.11
N ASP A 272 4.25 21.80 24.27
CA ASP A 272 4.68 23.11 23.78
C ASP A 272 4.95 23.08 22.29
N ILE A 273 4.01 22.47 21.57
CA ILE A 273 3.95 22.52 20.11
C ILE A 273 2.85 23.51 19.76
N GLN A 274 3.18 24.53 18.98
CA GLN A 274 2.25 25.65 18.76
C GLN A 274 1.14 25.38 17.77
N ASP A 275 1.32 24.40 16.88
CA ASP A 275 0.47 24.33 15.69
C ASP A 275 0.60 22.97 15.02
N ARG A 276 -0.42 22.61 14.26
CA ARG A 276 -0.40 21.46 13.34
C ARG A 276 -0.35 20.13 14.08
N MET A 277 -1.39 19.86 14.86
CA MET A 277 -1.46 18.56 15.57
C MET A 277 -2.72 17.77 15.23
N PRO A 278 -2.87 17.35 13.96
CA PRO A 278 -2.07 17.64 12.76
C PRO A 278 -2.67 18.81 12.00
N ARG A 279 -2.00 19.24 10.93
CA ARG A 279 -2.67 20.08 9.92
C ARG A 279 -2.89 19.21 8.68
N LEU A 280 -4.15 18.98 8.35
CA LEU A 280 -4.50 18.11 7.22
C LEU A 280 -5.11 18.86 6.05
N ARG A 281 -4.75 18.47 4.83
CA ARG A 281 -5.50 18.82 3.62
C ARG A 281 -6.08 17.55 3.01
N GLY A 282 -7.37 17.56 2.67
CA GLY A 282 -7.93 16.56 1.76
C GLY A 282 -8.19 15.13 2.22
N GLY A 283 -7.27 14.56 3.00
CA GLY A 283 -7.35 13.15 3.34
C GLY A 283 -8.07 12.82 4.62
N ASN A 284 -7.52 11.87 5.38
CA ASN A 284 -8.09 11.38 6.62
C ASN A 284 -7.05 11.32 7.71
N ALA A 285 -7.36 11.91 8.87
CA ALA A 285 -6.48 11.84 10.02
C ALA A 285 -7.25 11.49 11.26
N HIS A 286 -6.73 10.54 12.04
CA HIS A 286 -7.35 10.10 13.28
C HIS A 286 -6.34 10.21 14.41
N ALA A 287 -6.67 11.02 15.42
CA ALA A 287 -5.86 11.11 16.63
C ALA A 287 -6.70 10.58 17.80
N TYR A 288 -6.13 9.64 18.52
CA TYR A 288 -6.77 9.17 19.75
C TYR A 288 -5.78 9.07 20.87
N ASN A 289 -6.24 9.36 22.10
CA ASN A 289 -5.37 9.27 23.27
C ASN A 289 -4.07 10.03 23.06
N ILE A 290 -4.19 11.26 22.55
CA ILE A 290 -3.01 12.15 22.48
C ILE A 290 -3.15 13.26 23.50
N ILE A 291 -2.03 13.93 23.80
CA ILE A 291 -2.01 15.09 24.70
C ILE A 291 -1.43 16.27 23.95
N MET A 292 -2.14 17.39 23.94
CA MET A 292 -1.56 18.64 23.44
C MET A 292 -1.46 19.52 24.67
N ASP A 293 -0.28 19.69 25.21
CA ASP A 293 -0.07 20.46 26.44
C ASP A 293 0.86 21.62 26.13
N ALA A 294 0.28 22.80 25.98
CA ALA A 294 1.00 24.01 25.59
C ALA A 294 1.15 24.96 26.79
N THR A 295 1.21 24.40 27.99
CA THR A 295 1.30 25.20 29.23
C THR A 295 2.43 26.22 29.19
N ASP A 296 3.63 25.79 28.82
CA ASP A 296 4.77 26.69 28.83
C ASP A 296 4.71 27.72 27.72
N ALA A 297 4.18 27.34 26.57
CA ALA A 297 3.98 28.34 25.53
C ALA A 297 2.99 29.43 25.94
N ARG A 298 1.92 29.01 26.62
CA ARG A 298 0.88 29.94 27.09
C ARG A 298 1.51 30.91 28.10
N ALA A 299 2.35 30.39 28.99
CA ALA A 299 3.10 31.26 29.92
C ALA A 299 4.00 32.26 29.19
N ALA A 300 4.71 31.79 28.16
CA ALA A 300 5.63 32.65 27.41
C ALA A 300 4.88 33.78 26.75
N GLN A 301 3.64 33.52 26.31
CA GLN A 301 2.83 34.56 25.68
C GLN A 301 2.62 35.75 26.60
N THR A 302 2.60 35.53 27.92
CA THR A 302 2.36 36.64 28.88
C THR A 302 3.49 37.66 28.84
N ARG A 303 4.64 37.28 28.29
CA ARG A 303 5.78 38.19 28.18
C ARG A 303 5.64 39.18 27.03
N ILE A 304 4.65 38.96 26.15
CA ILE A 304 4.45 39.90 25.05
C ILE A 304 3.14 40.65 25.27
N THR A 305 3.23 41.92 25.64
CA THR A 305 2.03 42.70 25.82
C THR A 305 1.50 43.15 24.47
N SER A 306 0.28 43.68 24.45
CA SER A 306 -0.33 44.14 23.22
C SER A 306 0.54 45.16 22.49
N GLY A 307 1.09 46.13 23.23
CA GLY A 307 1.93 47.13 22.60
C GLY A 307 3.23 46.56 22.07
N MET A 308 3.80 45.58 22.77
CA MET A 308 4.96 44.89 22.25
C MET A 308 4.67 44.15 20.95
N ALA A 309 3.56 43.44 20.93
CA ALA A 309 3.16 42.72 19.73
C ALA A 309 2.98 43.63 18.53
N ALA A 310 2.37 44.80 18.75
CA ALA A 310 2.17 45.76 17.68
C ALA A 310 3.50 46.29 17.13
N ALA A 311 4.46 46.52 18.03
CA ALA A 311 5.77 46.96 17.59
C ALA A 311 6.51 45.88 16.77
N ILE A 312 6.35 44.60 17.15
CA ILE A 312 6.98 43.51 16.40
C ILE A 312 6.39 43.42 14.97
N ALA A 313 5.08 43.42 14.90
CA ALA A 313 4.39 43.29 13.62
C ALA A 313 4.60 44.52 12.74
N SER A 314 4.74 45.68 13.35
CA SER A 314 4.86 46.92 12.55
C SER A 314 6.12 46.93 11.69
N LYS A 315 7.12 46.17 12.12
CA LYS A 315 8.36 46.09 11.34
C LYS A 315 8.40 44.88 10.41
N GLY A 316 7.29 44.13 10.35
CA GLY A 316 7.19 42.99 9.47
C GLY A 316 7.75 41.70 10.01
N TYR A 317 7.99 41.66 11.31
CA TYR A 317 8.52 40.44 11.94
C TYR A 317 7.40 39.57 12.48
N LYS A 318 7.59 38.25 12.40
CA LYS A 318 6.73 37.29 13.06
C LYS A 318 7.49 36.76 14.28
N PHE A 319 6.99 37.07 15.46
CA PHE A 319 7.58 36.58 16.71
C PHE A 319 6.54 36.54 17.80
N GLY A 320 6.15 35.35 18.18
CA GLY A 320 5.09 35.18 19.16
C GLY A 320 4.67 33.72 19.32
N ILE A 321 3.50 33.52 19.89
CA ILE A 321 3.00 32.18 20.22
C ILE A 321 1.73 31.89 19.46
N THR A 322 1.80 30.99 18.48
CA THR A 322 0.59 30.47 17.84
C THR A 322 0.04 29.45 18.81
N SER A 323 -1.30 29.36 18.89
CA SER A 323 -1.94 28.50 19.88
C SER A 323 -3.07 27.70 19.24
N ASN A 324 -2.66 26.82 18.34
CA ASN A 324 -3.57 25.97 17.61
C ASN A 324 -3.44 24.52 18.03
N GLY A 325 -4.42 23.72 17.72
CA GLY A 325 -4.40 22.29 17.99
C GLY A 325 -4.49 21.48 16.71
N ALA A 326 -5.64 20.87 16.47
CA ALA A 326 -5.88 20.07 15.26
C ALA A 326 -6.56 20.95 14.21
N ILE A 327 -6.17 20.79 12.94
CA ILE A 327 -6.65 21.64 11.86
C ILE A 327 -7.02 20.76 10.67
N SER A 328 -8.27 20.83 10.22
CA SER A 328 -8.71 20.12 9.03
C SER A 328 -9.05 21.14 7.97
N THR A 329 -8.49 20.96 6.77
CA THR A 329 -8.72 21.91 5.68
C THR A 329 -9.04 21.18 4.39
N GLU A 330 -9.63 21.93 3.45
CA GLU A 330 -9.74 21.47 2.07
C GLU A 330 -10.39 20.11 1.97
N SER A 331 -11.53 19.99 2.63
CA SER A 331 -12.37 18.79 2.57
C SER A 331 -11.76 17.55 3.22
N ASN A 332 -10.69 17.75 3.98
CA ASN A 332 -10.15 16.67 4.79
C ASN A 332 -11.09 16.26 5.92
N ALA A 333 -10.78 15.14 6.57
CA ALA A 333 -11.54 14.65 7.74
C ALA A 333 -10.56 14.40 8.88
N VAL A 334 -10.75 15.09 10.01
CA VAL A 334 -9.94 14.88 11.23
C VAL A 334 -10.85 14.51 12.38
N LEU A 335 -10.59 13.38 13.02
CA LEU A 335 -11.27 13.05 14.27
C LEU A 335 -10.23 12.97 15.37
N VAL A 336 -10.44 13.72 16.45
CA VAL A 336 -9.65 13.61 17.69
C VAL A 336 -10.55 13.03 18.75
N GLU A 337 -10.11 11.99 19.45
CA GLU A 337 -10.92 11.45 20.54
C GLU A 337 -10.14 11.04 21.76
N LYS A 338 -10.81 11.10 22.90
CA LYS A 338 -10.27 10.59 24.16
C LYS A 338 -8.90 11.18 24.41
N SER A 339 -8.78 12.47 24.19
CA SER A 339 -7.50 13.14 24.34
C SER A 339 -7.54 14.18 25.45
N VAL A 340 -6.39 14.81 25.71
CA VAL A 340 -6.24 15.86 26.70
C VAL A 340 -5.60 17.07 26.03
N ILE A 341 -6.23 18.24 26.15
CA ILE A 341 -5.73 19.47 25.54
C ILE A 341 -5.67 20.54 26.63
N LYS A 342 -4.49 21.10 26.79
CA LYS A 342 -4.27 22.10 27.82
C LYS A 342 -3.59 23.33 27.27
N ASP A 343 -4.23 24.48 27.51
CA ASP A 343 -3.67 25.79 27.22
C ASP A 343 -3.41 26.02 25.73
N VAL A 344 -4.27 25.41 24.93
CA VAL A 344 -4.33 25.68 23.48
C VAL A 344 -5.58 26.52 23.24
N GLN A 345 -5.40 27.73 22.74
CA GLN A 345 -6.53 28.66 22.62
C GLN A 345 -7.52 28.26 21.51
N TYR A 346 -7.00 27.73 20.40
CA TYR A 346 -7.84 27.39 19.25
C TYR A 346 -7.61 25.93 18.93
N PRO A 347 -8.16 25.03 19.74
CA PRO A 347 -7.83 23.61 19.59
C PRO A 347 -8.37 22.92 18.34
N VAL A 348 -9.39 23.50 17.72
CA VAL A 348 -10.12 22.81 16.66
C VAL A 348 -10.38 23.83 15.55
N ARG A 349 -9.67 23.70 14.44
CA ARG A 349 -9.81 24.67 13.34
C ARG A 349 -10.18 23.96 12.06
N ASN A 350 -10.95 24.66 11.23
CA ASN A 350 -11.51 24.07 10.03
C ASN A 350 -11.23 24.83 8.73
N ASN A 351 -10.47 25.92 8.78
CA ASN A 351 -10.20 26.67 7.57
C ASN A 351 -9.15 27.72 7.86
N GLN A 352 -7.99 27.60 7.21
CA GLN A 352 -6.88 28.50 7.41
C GLN A 352 -6.68 29.51 6.29
N THR A 353 -7.22 29.21 5.11
CA THR A 353 -6.83 29.98 3.92
C THR A 353 -7.85 31.09 3.60
N ASP A 354 -9.12 30.81 3.76
CA ASP A 354 -10.16 31.81 3.49
C ASP A 354 -11.48 31.29 4.03
N PRO A 355 -11.85 31.76 5.24
CA PRO A 355 -13.08 31.24 5.87
C PRO A 355 -14.34 31.52 5.10
N THR A 356 -14.32 32.44 4.12
CA THR A 356 -15.54 32.68 3.37
C THR A 356 -15.65 31.75 2.17
N ASN A 357 -14.67 30.87 2.00
CA ASN A 357 -14.66 29.94 0.87
C ASN A 357 -14.70 28.47 1.32
N ALA A 358 -15.84 27.81 1.13
CA ALA A 358 -16.01 26.46 1.67
C ALA A 358 -15.03 25.43 1.11
N THR A 359 -14.52 25.69 -0.08
CA THR A 359 -13.55 24.78 -0.69
C THR A 359 -12.35 24.60 0.23
N TYR A 360 -12.05 25.61 1.02
CA TYR A 360 -10.90 25.58 1.93
C TYR A 360 -11.24 25.00 3.32
N THR A 361 -12.51 24.74 3.58
CA THR A 361 -12.93 24.20 4.87
C THR A 361 -12.79 22.69 4.93
N GLY A 362 -12.24 22.18 6.04
CA GLY A 362 -12.21 20.76 6.27
C GLY A 362 -13.25 20.34 7.29
N LYS A 363 -13.48 19.03 7.37
CA LYS A 363 -14.37 18.43 8.37
C LYS A 363 -13.56 18.02 9.57
N ILE A 364 -14.08 18.29 10.77
CA ILE A 364 -13.34 18.00 12.00
C ILE A 364 -14.32 17.78 13.15
N ARG A 365 -14.03 16.79 13.97
CA ARG A 365 -14.81 16.45 15.14
C ARG A 365 -13.90 16.05 16.27
N VAL A 366 -14.28 16.38 17.50
CA VAL A 366 -13.60 15.92 18.69
C VAL A 366 -14.63 15.20 19.56
N ALA A 367 -14.23 14.04 20.07
CA ALA A 367 -15.08 13.18 20.92
C ALA A 367 -14.42 13.00 22.29
N ASP A 368 -15.25 13.04 23.33
CA ASP A 368 -14.86 12.83 24.72
C ASP A 368 -13.43 13.19 25.06
N THR A 369 -13.15 14.49 25.02
CA THR A 369 -11.81 15.02 25.25
C THR A 369 -11.82 16.03 26.37
N ILE A 370 -10.78 15.99 27.18
CA ILE A 370 -10.59 16.92 28.27
C ILE A 370 -9.87 18.17 27.80
N TYR A 371 -10.42 19.34 28.12
CA TYR A 371 -9.88 20.60 27.68
C TYR A 371 -9.78 21.57 28.83
N SER A 372 -8.68 22.33 28.88
CA SER A 372 -8.48 23.36 29.89
C SER A 372 -7.74 24.53 29.27
N LEU A 373 -8.21 25.75 29.54
CA LEU A 373 -7.54 26.95 29.07
C LEU A 373 -7.52 27.95 30.23
N ASP A 374 -6.33 28.31 30.68
CA ASP A 374 -6.17 29.30 31.75
C ASP A 374 -6.98 28.90 32.98
N GLY A 375 -6.94 27.61 33.31
CA GLY A 375 -7.61 27.10 34.48
C GLY A 375 -9.02 26.59 34.31
N SER A 376 -9.58 26.72 33.11
CA SER A 376 -10.93 26.23 32.87
C SER A 376 -10.96 24.72 32.89
N SER A 377 -12.17 24.17 32.83
CA SER A 377 -12.33 22.73 32.79
C SER A 377 -13.55 22.31 31.98
N PHE A 378 -13.33 21.47 30.97
CA PHE A 378 -14.37 20.96 30.12
C PHE A 378 -14.03 19.53 29.77
N ARG A 379 -15.02 18.67 29.72
CA ARG A 379 -14.82 17.37 29.11
C ARG A 379 -16.02 17.14 28.22
N GLY A 380 -15.76 16.84 26.95
CA GLY A 380 -16.88 16.62 26.04
C GLY A 380 -16.45 16.60 24.60
N SER A 381 -17.38 17.00 23.75
CA SER A 381 -17.18 16.93 22.30
C SER A 381 -17.15 18.30 21.68
N ARG A 382 -16.77 18.33 20.40
CA ARG A 382 -16.80 19.35 19.34
C ARG A 382 -18.20 20.05 19.22
N ASP A 383 -19.21 19.23 19.42
CA ASP A 383 -20.51 19.43 18.75
C ASP A 383 -21.61 19.99 19.63
N THR A 384 -21.41 19.97 20.94
CA THR A 384 -22.46 20.40 21.87
C THR A 384 -22.48 21.90 22.07
N ALA A 385 -23.64 22.42 22.51
CA ALA A 385 -23.79 23.86 22.61
C ALA A 385 -22.80 24.50 23.56
N GLY A 386 -22.16 25.57 23.09
CA GLY A 386 -21.20 26.26 23.93
C GLY A 386 -19.86 25.57 24.09
N SER A 387 -19.63 24.48 23.35
CA SER A 387 -18.39 23.74 23.57
C SER A 387 -17.15 24.56 23.24
N PRO A 388 -16.15 24.53 24.14
CA PRO A 388 -14.90 25.22 23.79
C PRO A 388 -14.09 24.44 22.74
N LEU A 389 -14.55 23.25 22.38
CA LEU A 389 -13.92 22.48 21.32
C LEU A 389 -14.64 22.65 19.95
N ALA A 390 -15.55 23.63 19.85
CA ALA A 390 -16.25 23.82 18.58
C ALA A 390 -15.28 24.27 17.48
N PRO A 391 -15.49 23.79 16.26
CA PRO A 391 -14.60 24.20 15.18
C PRO A 391 -14.74 25.66 14.81
N VAL A 392 -13.62 26.31 14.56
CA VAL A 392 -13.60 27.69 14.10
C VAL A 392 -12.64 27.79 12.92
N PRO A 393 -12.79 28.79 12.05
CA PRO A 393 -13.74 29.91 12.04
C PRO A 393 -14.78 29.85 10.94
N ALA A 394 -14.73 28.83 10.09
CA ALA A 394 -15.63 28.79 8.93
C ALA A 394 -16.91 28.05 9.24
N ALA A 395 -17.93 28.30 8.42
CA ALA A 395 -19.17 27.55 8.48
C ALA A 395 -18.83 26.08 8.54
N ILE A 396 -19.48 25.37 9.47
CA ILE A 396 -19.05 24.01 9.79
C ILE A 396 -19.58 23.01 8.76
N LYS A 397 -18.71 22.15 8.25
CA LYS A 397 -19.12 21.04 7.43
C LYS A 397 -19.38 19.82 8.29
N PRO A 398 -20.55 19.20 8.17
CA PRO A 398 -20.85 18.02 8.97
C PRO A 398 -19.75 16.95 8.81
N PHE A 399 -19.34 16.34 9.93
CA PHE A 399 -18.25 15.40 9.86
C PHE A 399 -18.61 14.10 9.15
N SER A 400 -17.70 13.63 8.32
CA SER A 400 -17.73 12.27 7.79
C SER A 400 -16.32 11.99 7.29
N TRP A 401 -15.93 10.71 7.29
CA TRP A 401 -14.66 10.31 6.73
C TRP A 401 -14.70 10.41 5.21
N ASN A 402 -13.53 10.43 4.60
CA ASN A 402 -13.42 10.44 3.15
C ASN A 402 -13.15 9.08 2.57
N GLY A 403 -14.13 8.48 1.89
CA GLY A 403 -13.85 7.27 1.14
C GLY A 403 -14.31 6.02 1.86
N PHE A 404 -14.70 6.21 3.10
CA PHE A 404 -15.25 5.15 3.93
C PHE A 404 -16.17 5.76 4.98
N SER A 405 -17.05 4.92 5.54
CA SER A 405 -18.01 5.32 6.56
C SER A 405 -17.41 5.23 7.95
N ILE A 406 -16.73 4.12 8.22
CA ILE A 406 -16.02 3.92 9.50
C ILE A 406 -14.56 3.57 9.25
N LEU A 407 -13.72 3.86 10.23
CA LEU A 407 -12.29 3.62 10.07
C LEU A 407 -12.03 2.16 9.76
N PRO A 408 -11.09 1.89 8.84
CA PRO A 408 -10.80 0.52 8.37
C PRO A 408 -9.93 -0.30 9.32
N TYR A 409 -9.88 0.10 10.58
CA TYR A 409 -9.10 -0.64 11.56
C TYR A 409 -9.77 -0.59 12.92
N SER A 410 -9.47 -1.57 13.76
CA SER A 410 -10.02 -1.51 15.10
C SER A 410 -8.95 -1.02 16.06
N TYR A 411 -9.39 -0.56 17.22
CA TYR A 411 -8.48 0.05 18.17
C TYR A 411 -9.21 0.18 19.50
N GLN A 412 -8.40 0.17 20.55
CA GLN A 412 -8.86 0.31 21.93
C GLN A 412 -8.59 1.74 22.37
N LEU A 413 -9.56 2.32 23.08
CA LEU A 413 -9.43 3.67 23.61
C LEU A 413 -9.23 3.67 25.11
N ASP A 414 -8.21 4.38 25.58
CA ASP A 414 -8.06 4.63 27.00
C ASP A 414 -8.85 5.82 27.43
N ASP A 415 -9.14 5.91 28.73
CA ASP A 415 -9.85 7.09 29.23
C ASP A 415 -8.92 8.28 29.29
N PRO A 416 -9.39 9.44 28.82
CA PRO A 416 -8.48 10.58 28.88
C PRO A 416 -8.11 11.02 30.30
N SER A 417 -8.89 10.64 31.30
CA SER A 417 -8.60 11.16 32.66
C SER A 417 -7.31 10.62 33.27
N THR A 418 -6.82 9.52 32.76
CA THR A 418 -5.57 8.96 33.29
C THR A 418 -4.46 8.98 32.26
N LEU A 419 -4.72 9.67 31.15
CA LEU A 419 -3.80 9.62 30.01
C LEU A 419 -2.50 10.39 30.27
N ASN A 420 -2.59 11.54 30.94
CA ASN A 420 -1.36 12.27 31.23
C ASN A 420 -0.42 11.49 32.10
N ALA A 421 -0.97 10.83 33.13
CA ALA A 421 -0.14 10.00 34.00
C ALA A 421 0.50 8.85 33.23
N ARG A 422 -0.28 8.21 32.35
CA ARG A 422 0.25 7.08 31.56
C ARG A 422 1.35 7.49 30.61
N LEU A 423 1.15 8.58 29.88
CA LEU A 423 2.11 8.94 28.85
C LEU A 423 3.36 9.63 29.36
N THR A 424 3.31 10.21 30.57
CA THR A 424 4.48 10.88 31.12
C THR A 424 5.21 10.00 32.15
N ALA A 425 4.75 8.77 32.31
CA ALA A 425 5.40 7.82 33.23
C ALA A 425 6.77 7.37 32.73
N SER A 426 7.51 6.68 33.59
CA SER A 426 8.81 6.14 33.21
C SER A 426 8.69 5.17 32.02
N ASN A 427 7.55 4.51 31.88
CA ASN A 427 7.32 3.66 30.72
C ASN A 427 6.30 4.29 29.77
N GLY A 428 6.36 5.63 29.68
CA GLY A 428 5.42 6.38 28.85
C GLY A 428 5.87 6.55 27.42
N ALA A 429 5.42 7.64 26.80
CA ALA A 429 5.76 7.92 25.41
C ALA A 429 7.20 8.39 25.28
N GLY A 430 7.78 8.13 24.11
CA GLY A 430 9.11 8.61 23.77
C GLY A 430 10.15 7.49 23.61
N ALA A 431 11.31 7.93 23.15
CA ALA A 431 12.49 7.10 23.05
C ALA A 431 13.18 6.93 24.43
N GLY A 432 13.84 5.80 24.56
CA GLY A 432 14.60 5.56 25.80
C GLY A 432 13.74 5.24 26.98
N LYS A 433 12.49 4.89 26.77
CA LYS A 433 11.52 4.76 27.81
C LYS A 433 11.25 3.27 28.08
N LEU A 434 11.20 2.45 27.05
CA LEU A 434 10.97 1.04 27.16
C LEU A 434 12.24 0.32 27.10
N SER A 435 12.45 -0.53 28.06
CA SER A 435 13.62 -1.29 28.15
C SER A 435 13.07 -2.68 28.15
N TRP A 436 13.19 -3.33 27.04
CA TRP A 436 12.90 -4.74 26.86
C TRP A 436 13.96 -5.25 25.91
N SER A 437 14.00 -6.57 25.70
CA SER A 437 15.02 -7.12 24.83
C SER A 437 14.86 -6.54 23.43
N LYS A 438 15.97 -6.26 22.77
CA LYS A 438 15.90 -5.39 21.58
C LYS A 438 15.12 -6.01 20.42
N ASP A 439 14.95 -7.34 20.42
CA ASP A 439 14.14 -7.99 19.37
C ASP A 439 12.69 -7.46 19.39
N ASN A 440 12.25 -6.94 20.54
CA ASN A 440 10.90 -6.44 20.61
C ASN A 440 10.65 -5.22 19.74
N TRP A 441 11.71 -4.51 19.40
CA TRP A 441 11.60 -3.35 18.51
C TRP A 441 11.28 -3.74 17.08
N LEU A 442 11.49 -5.00 16.72
CA LEU A 442 11.18 -5.48 15.38
C LEU A 442 9.75 -5.99 15.24
N LYS A 443 9.10 -6.27 16.36
CA LYS A 443 7.75 -6.83 16.35
C LYS A 443 6.68 -5.77 16.14
N THR A 444 5.50 -6.20 15.70
CA THR A 444 4.38 -5.28 15.55
C THR A 444 3.20 -5.64 16.44
N SER A 445 3.28 -6.77 17.12
CA SER A 445 2.30 -7.09 18.15
C SER A 445 2.91 -7.90 19.27
N TYR A 446 2.22 -7.90 20.39
CA TYR A 446 2.76 -8.44 21.63
C TYR A 446 1.72 -9.29 22.33
N GLY B 3 14.86 -29.75 -23.70
CA GLY B 3 14.38 -30.86 -22.96
C GLY B 3 13.61 -30.44 -21.72
N ASN B 4 13.55 -31.36 -20.80
CA ASN B 4 12.75 -31.19 -19.61
C ASN B 4 13.18 -30.08 -18.65
N ALA B 5 14.40 -29.62 -18.77
CA ALA B 5 14.79 -28.44 -18.03
C ALA B 5 14.01 -27.20 -18.40
N ASP B 6 13.37 -27.24 -19.57
CA ASP B 6 12.46 -26.17 -19.99
C ASP B 6 11.33 -26.02 -18.99
N TYR B 7 11.09 -27.09 -18.21
CA TYR B 7 9.96 -27.17 -17.27
C TYR B 7 10.35 -26.85 -15.82
N ASN B 8 11.61 -26.49 -15.58
CA ASN B 8 12.07 -26.12 -14.22
C ASN B 8 11.22 -25.03 -13.59
N LEU B 9 11.06 -25.11 -12.28
CA LEU B 9 10.55 -24.00 -11.50
C LEU B 9 11.51 -22.81 -11.62
N THR B 10 10.95 -21.66 -11.98
CA THR B 10 11.72 -20.41 -11.97
C THR B 10 10.94 -19.31 -11.29
N GLY B 11 11.58 -18.17 -11.08
CA GLY B 11 10.88 -16.96 -10.69
C GLY B 11 10.68 -16.80 -9.21
N PHE B 12 9.66 -16.02 -8.84
CA PHE B 12 9.53 -15.64 -7.44
C PHE B 12 9.20 -16.83 -6.53
N SER B 13 8.64 -17.91 -7.08
CA SER B 13 8.43 -19.13 -6.30
C SER B 13 9.69 -20.00 -6.17
N GLN B 14 10.85 -19.50 -6.56
CA GLN B 14 12.10 -20.26 -6.39
C GLN B 14 12.24 -20.76 -4.96
N GLY B 15 12.68 -22.02 -4.86
CA GLY B 15 12.90 -22.67 -3.57
C GLY B 15 11.72 -23.45 -3.03
N ASN B 16 10.56 -23.29 -3.64
CA ASN B 16 9.36 -24.00 -3.23
C ASN B 16 9.50 -25.46 -3.62
N THR B 17 9.42 -26.39 -2.65
CA THR B 17 9.51 -27.82 -3.00
C THR B 17 8.17 -28.52 -2.76
N GLY B 18 7.12 -27.74 -2.49
CA GLY B 18 5.80 -28.29 -2.26
C GLY B 18 5.78 -29.37 -1.19
N GLY B 19 5.07 -30.45 -1.47
CA GLY B 19 5.01 -31.57 -0.52
C GLY B 19 6.21 -32.49 -0.60
N GLY B 20 7.18 -32.16 -1.45
CA GLY B 20 8.38 -32.98 -1.63
C GLY B 20 8.18 -34.15 -2.56
N VAL B 21 9.20 -35.00 -2.65
CA VAL B 21 9.07 -36.24 -3.41
C VAL B 21 8.74 -37.32 -2.38
N ILE B 22 7.52 -37.81 -2.47
CA ILE B 22 6.93 -38.70 -1.50
C ILE B 22 6.39 -39.84 -2.32
N SER B 23 6.55 -41.06 -1.85
CA SER B 23 5.99 -42.22 -2.56
C SER B 23 4.48 -42.34 -2.42
N GLU B 24 3.84 -42.81 -3.48
CA GLU B 24 2.39 -43.06 -3.46
C GLU B 24 2.02 -44.15 -2.45
N SER B 25 3.01 -44.91 -1.97
CA SER B 25 2.78 -45.95 -0.97
C SER B 25 2.80 -45.37 0.45
N ASN B 26 3.22 -44.12 0.59
CA ASN B 26 3.29 -43.45 1.88
C ASN B 26 1.92 -42.86 2.20
N THR B 27 0.97 -43.73 2.52
CA THR B 27 -0.45 -43.40 2.56
C THR B 27 -0.84 -42.36 3.61
N ALA B 28 0.02 -42.16 4.61
CA ALA B 28 -0.26 -41.19 5.64
C ALA B 28 -0.20 -39.77 5.08
N VAL B 29 0.71 -39.54 4.14
CA VAL B 29 0.92 -38.18 3.65
C VAL B 29 0.69 -38.00 2.14
N TYR B 30 0.43 -39.10 1.43
CA TYR B 30 0.12 -39.09 0.00
C TYR B 30 -1.28 -39.60 -0.15
N LYS B 31 -2.21 -38.72 -0.52
CA LYS B 31 -3.64 -39.08 -0.62
C LYS B 31 -4.08 -39.10 -2.07
N LYS B 32 -4.61 -40.25 -2.50
CA LYS B 32 -5.24 -40.38 -3.82
C LYS B 32 -6.70 -40.02 -3.68
N VAL B 33 -7.13 -39.04 -4.47
CA VAL B 33 -8.46 -38.48 -4.34
C VAL B 33 -9.33 -38.86 -5.52
N TYR B 34 -10.43 -39.57 -5.24
CA TYR B 34 -11.33 -40.07 -6.28
C TYR B 34 -12.67 -39.35 -6.32
N ASN B 35 -12.97 -38.68 -5.22
CA ASN B 35 -14.23 -37.99 -5.05
C ASN B 35 -14.09 -36.84 -4.05
N ALA B 36 -15.17 -36.08 -3.88
CA ALA B 36 -15.14 -34.88 -3.03
C ALA B 36 -14.84 -35.19 -1.58
N THR B 37 -15.31 -36.33 -1.09
CA THR B 37 -15.06 -36.70 0.29
C THR B 37 -13.57 -36.93 0.53
N ASP B 38 -12.92 -37.65 -0.38
CA ASP B 38 -11.47 -37.84 -0.31
C ASP B 38 -10.75 -36.50 -0.26
N LEU B 39 -11.18 -35.55 -1.10
CA LEU B 39 -10.54 -34.23 -1.14
C LEU B 39 -10.77 -33.47 0.17
N ALA B 40 -11.99 -33.53 0.68
CA ALA B 40 -12.31 -32.86 1.96
C ALA B 40 -11.44 -33.41 3.10
N LEU B 41 -11.25 -34.72 3.13
CA LEU B 41 -10.43 -35.32 4.18
C LEU B 41 -8.96 -34.95 4.03
N ALA B 42 -8.47 -34.92 2.79
CA ALA B 42 -7.07 -34.61 2.52
C ALA B 42 -6.68 -33.17 2.79
N LEU B 43 -7.59 -32.24 2.49
CA LEU B 43 -7.26 -30.82 2.59
C LEU B 43 -7.82 -30.18 3.85
N LYS B 44 -8.37 -30.99 4.76
CA LYS B 44 -8.81 -30.46 6.05
C LYS B 44 -7.65 -29.79 6.76
N LYS B 45 -7.91 -28.62 7.34
CA LYS B 45 -6.86 -27.88 8.06
C LYS B 45 -6.16 -28.81 9.09
N ASN B 46 -4.83 -28.75 9.08
CA ASN B 46 -3.94 -29.57 9.95
C ASN B 46 -3.93 -31.07 9.63
N SER B 47 -4.35 -31.45 8.43
CA SER B 47 -4.33 -32.88 8.06
C SER B 47 -2.90 -33.42 7.98
N GLY B 48 -1.92 -32.56 7.73
CA GLY B 48 -0.55 -33.00 7.53
C GLY B 48 -0.27 -33.66 6.18
N VAL B 49 -1.26 -33.65 5.29
CA VAL B 49 -1.09 -34.31 3.98
C VAL B 49 -0.09 -33.48 3.17
N LYS B 50 0.83 -34.14 2.50
CA LYS B 50 1.88 -33.47 1.73
C LYS B 50 1.62 -33.52 0.21
N VAL B 51 1.07 -34.64 -0.29
CA VAL B 51 0.76 -34.75 -1.71
C VAL B 51 -0.67 -35.22 -1.89
N VAL B 52 -1.41 -34.51 -2.73
CA VAL B 52 -2.75 -34.90 -3.11
C VAL B 52 -2.75 -35.20 -4.59
N GLU B 53 -2.98 -36.47 -4.93
CA GLU B 53 -3.11 -36.87 -6.33
C GLU B 53 -4.57 -36.98 -6.70
N ILE B 54 -5.03 -36.07 -7.55
CA ILE B 54 -6.38 -36.13 -8.09
C ILE B 54 -6.39 -37.21 -9.15
N MET B 55 -7.28 -38.19 -8.98
CA MET B 55 -7.25 -39.39 -9.81
C MET B 55 -8.17 -39.33 -11.02
N ASN B 56 -9.18 -38.47 -11.00
CA ASN B 56 -10.13 -38.38 -12.09
C ASN B 56 -10.78 -36.99 -11.99
N ASP B 57 -11.57 -36.62 -12.99
CA ASP B 57 -12.33 -35.37 -12.94
C ASP B 57 -13.18 -35.32 -11.68
N LEU B 58 -13.29 -34.14 -11.10
CA LEU B 58 -14.06 -33.95 -9.87
C LEU B 58 -15.16 -32.94 -10.09
N ASN B 59 -16.38 -33.33 -9.76
CA ASN B 59 -17.53 -32.45 -9.87
C ASN B 59 -17.88 -32.03 -8.46
N LEU B 60 -17.48 -30.80 -8.11
CA LEU B 60 -17.38 -30.39 -6.72
C LEU B 60 -18.41 -29.37 -6.27
N GLY B 61 -19.50 -29.27 -7.01
CA GLY B 61 -20.58 -28.37 -6.62
C GLY B 61 -21.26 -28.77 -5.32
N TRP B 62 -21.73 -27.77 -4.58
CA TRP B 62 -22.25 -28.00 -3.22
C TRP B 62 -23.44 -28.96 -3.20
N ASN B 63 -24.25 -28.93 -4.25
CA ASN B 63 -25.41 -29.82 -4.28
C ASN B 63 -25.15 -31.19 -4.86
N GLU B 64 -23.98 -31.43 -5.47
CA GLU B 64 -23.76 -32.72 -6.09
C GLU B 64 -22.81 -33.61 -5.31
N ILE B 65 -22.03 -33.01 -4.40
CA ILE B 65 -21.05 -33.78 -3.63
C ILE B 65 -21.76 -34.60 -2.53
N PRO B 66 -21.09 -35.66 -2.05
CA PRO B 66 -21.67 -36.42 -0.93
C PRO B 66 -21.85 -35.55 0.30
N SER B 67 -22.84 -35.87 1.13
CA SER B 67 -23.07 -35.14 2.38
C SER B 67 -21.83 -35.12 3.25
N ALA B 68 -21.03 -36.18 3.20
CA ALA B 68 -19.84 -36.26 4.01
C ALA B 68 -18.84 -35.20 3.61
N ALA B 69 -18.95 -34.69 2.39
CA ALA B 69 -18.01 -33.68 1.93
C ALA B 69 -18.49 -32.26 2.24
N GLN B 70 -19.72 -32.13 2.73
CA GLN B 70 -20.29 -30.81 3.01
C GLN B 70 -19.85 -30.28 4.35
N THR B 71 -18.54 -30.10 4.48
CA THR B 71 -17.97 -29.65 5.72
C THR B 71 -16.58 -29.08 5.40
N SER B 72 -16.05 -28.21 6.27
CA SER B 72 -14.72 -27.64 6.06
C SER B 72 -13.75 -28.76 5.69
N PRO B 73 -12.93 -28.56 4.64
CA PRO B 73 -12.60 -27.32 3.92
C PRO B 73 -13.57 -26.91 2.82
N PHE B 74 -14.67 -27.63 2.60
CA PHE B 74 -15.71 -27.22 1.64
C PHE B 74 -16.72 -26.33 2.31
N ALA B 75 -17.20 -25.33 1.58
CA ALA B 75 -18.35 -24.54 2.00
C ALA B 75 -19.20 -24.20 0.78
N LYS B 76 -20.47 -23.88 1.01
CA LYS B 76 -21.32 -23.41 -0.09
C LYS B 76 -20.85 -22.03 -0.56
N HIS B 77 -20.65 -21.87 -1.86
CA HIS B 77 -20.32 -20.55 -2.40
C HIS B 77 -21.60 -19.75 -2.63
N ASN B 78 -21.46 -18.52 -3.08
CA ASN B 78 -22.63 -17.74 -3.51
C ASN B 78 -23.40 -18.51 -4.58
N ASP B 79 -24.72 -18.44 -4.52
CA ASP B 79 -25.60 -19.29 -5.34
C ASP B 79 -25.45 -19.04 -6.83
N ALA B 80 -25.55 -20.10 -7.62
CA ALA B 80 -25.75 -19.94 -9.07
C ALA B 80 -27.15 -19.39 -9.31
N LEU B 81 -27.24 -18.34 -10.12
CA LEU B 81 -28.53 -17.71 -10.38
C LEU B 81 -29.05 -17.94 -11.78
N THR B 82 -28.17 -18.33 -12.71
CA THR B 82 -28.52 -18.31 -14.13
C THR B 82 -28.09 -19.52 -14.95
N HIS B 83 -26.95 -20.15 -14.68
CA HIS B 83 -26.54 -21.24 -15.56
C HIS B 83 -27.36 -22.49 -15.24
N PRO B 84 -28.04 -23.04 -16.26
CA PRO B 84 -28.90 -24.20 -15.96
C PRO B 84 -28.15 -25.37 -15.31
N VAL B 85 -26.89 -25.59 -15.65
CA VAL B 85 -26.13 -26.69 -15.03
C VAL B 85 -25.80 -26.33 -13.58
N LEU B 86 -25.28 -25.13 -13.36
CA LEU B 86 -24.82 -24.74 -12.02
C LEU B 86 -25.97 -24.59 -11.05
N LYS B 87 -27.14 -24.23 -11.55
CA LYS B 87 -28.30 -24.19 -10.65
C LYS B 87 -28.60 -25.55 -10.06
N GLN B 88 -28.29 -26.62 -10.80
CA GLN B 88 -28.44 -27.99 -10.27
C GLN B 88 -27.25 -28.40 -9.38
N THR B 89 -26.04 -28.20 -9.88
CA THR B 89 -24.87 -28.72 -9.20
C THR B 89 -24.51 -27.92 -7.95
N GLY B 90 -24.85 -26.64 -7.94
CA GLY B 90 -24.33 -25.74 -6.94
C GLY B 90 -22.86 -25.51 -7.20
N VAL B 91 -22.27 -24.67 -6.36
CA VAL B 91 -20.88 -24.24 -6.46
C VAL B 91 -20.30 -24.23 -5.05
N SER B 92 -19.11 -24.81 -4.91
CA SER B 92 -18.42 -24.83 -3.61
C SER B 92 -17.23 -23.88 -3.56
N LYS B 93 -16.82 -23.55 -2.33
CA LYS B 93 -15.54 -22.89 -2.11
C LYS B 93 -14.72 -23.81 -1.21
N ILE B 94 -13.52 -24.18 -1.64
CA ILE B 94 -12.64 -25.09 -0.91
C ILE B 94 -11.47 -24.30 -0.43
N THR B 95 -11.33 -24.20 0.88
CA THR B 95 -10.27 -23.38 1.47
C THR B 95 -9.14 -24.22 2.03
N VAL B 96 -7.96 -24.08 1.44
CA VAL B 96 -6.73 -24.72 1.89
C VAL B 96 -6.04 -23.76 2.85
N ASP B 97 -5.99 -24.11 4.13
CA ASP B 97 -5.61 -23.16 5.17
C ASP B 97 -4.47 -23.69 6.02
N GLY B 98 -3.37 -22.95 6.08
CA GLY B 98 -2.29 -23.25 7.01
C GLY B 98 -1.38 -24.39 6.64
N PHE B 99 -1.37 -24.74 5.36
CA PHE B 99 -0.48 -25.80 4.90
C PHE B 99 0.92 -25.26 4.65
N ASN B 100 1.93 -26.03 5.00
CA ASN B 100 3.29 -25.66 4.68
C ASN B 100 4.00 -26.82 4.02
N GLY B 101 4.08 -26.74 2.69
CA GLY B 101 4.69 -27.76 1.86
C GLY B 101 3.63 -28.73 1.40
N LEU B 102 2.94 -28.43 0.29
CA LEU B 102 1.84 -29.24 -0.20
C LEU B 102 1.88 -29.25 -1.72
N THR B 103 1.71 -30.42 -2.33
CA THR B 103 1.55 -30.54 -3.79
C THR B 103 0.22 -31.15 -4.13
N ILE B 104 -0.52 -30.49 -5.01
CA ILE B 104 -1.77 -31.01 -5.54
C ILE B 104 -1.57 -31.18 -7.04
N PHE B 105 -1.84 -32.37 -7.58
CA PHE B 105 -1.63 -32.58 -9.00
C PHE B 105 -2.52 -33.70 -9.50
N SER B 106 -2.56 -33.88 -10.82
CA SER B 106 -3.09 -35.13 -11.41
C SER B 106 -2.11 -35.65 -12.44
N ALA B 107 -2.21 -36.94 -12.71
CA ALA B 107 -1.31 -37.55 -13.66
C ALA B 107 -1.68 -37.23 -15.08
N ASN B 108 -2.95 -36.98 -15.36
CA ASN B 108 -3.31 -36.81 -16.78
C ASN B 108 -4.29 -35.70 -17.11
N GLY B 109 -4.23 -34.64 -16.31
CA GLY B 109 -4.99 -33.44 -16.62
C GLY B 109 -6.45 -33.52 -16.24
N SER B 110 -6.71 -34.04 -15.06
CA SER B 110 -8.07 -34.09 -14.54
C SER B 110 -8.66 -32.71 -14.35
N LYS B 111 -9.98 -32.64 -14.47
CA LYS B 111 -10.74 -31.38 -14.36
C LYS B 111 -11.31 -31.16 -12.97
N ILE B 112 -11.24 -29.91 -12.52
CA ILE B 112 -11.87 -29.48 -11.28
C ILE B 112 -13.02 -28.57 -11.67
N LYS B 113 -14.25 -29.02 -11.43
CA LYS B 113 -15.47 -28.31 -11.88
C LYS B 113 -16.35 -27.87 -10.72
N HIS B 114 -16.94 -26.69 -10.87
CA HIS B 114 -17.99 -26.21 -9.97
C HIS B 114 -17.47 -25.82 -8.60
N ALA B 115 -16.19 -25.47 -8.50
CA ALA B 115 -15.64 -25.05 -7.23
C ALA B 115 -14.52 -24.03 -7.36
N ALA B 116 -14.51 -23.10 -6.43
CA ALA B 116 -13.40 -22.16 -6.27
C ALA B 116 -12.43 -22.70 -5.26
N ILE B 117 -11.13 -22.49 -5.45
CA ILE B 117 -10.14 -22.85 -4.45
C ILE B 117 -9.52 -21.60 -3.83
N SER B 118 -9.49 -21.52 -2.50
CA SER B 118 -8.88 -20.40 -1.82
C SER B 118 -7.71 -20.95 -1.03
N VAL B 119 -6.50 -20.43 -1.26
CA VAL B 119 -5.31 -20.83 -0.50
C VAL B 119 -4.99 -19.73 0.49
N LYS B 120 -5.04 -20.02 1.79
CA LYS B 120 -4.85 -18.99 2.81
C LYS B 120 -3.79 -19.41 3.79
N ARG B 121 -2.95 -18.45 4.19
CA ARG B 121 -2.02 -18.66 5.28
C ARG B 121 -1.16 -19.91 5.07
N SER B 122 -0.74 -20.13 3.84
CA SER B 122 0.00 -21.33 3.49
C SER B 122 1.33 -20.98 2.85
N SER B 123 2.25 -21.93 2.82
CA SER B 123 3.54 -21.69 2.19
C SER B 123 3.95 -22.93 1.43
N ASN B 124 4.73 -22.73 0.38
CA ASN B 124 5.25 -23.80 -0.44
C ASN B 124 4.18 -24.73 -0.96
N VAL B 125 3.26 -24.17 -1.75
CA VAL B 125 2.16 -24.92 -2.35
C VAL B 125 2.45 -25.05 -3.84
N ILE B 126 2.32 -26.27 -4.35
CA ILE B 126 2.49 -26.53 -5.77
C ILE B 126 1.18 -27.12 -6.30
N ILE B 127 0.67 -26.57 -7.39
CA ILE B 127 -0.55 -27.06 -8.01
C ILE B 127 -0.25 -27.28 -9.50
N ARG B 128 -0.31 -28.53 -9.97
CA ARG B 128 0.08 -28.83 -11.33
C ARG B 128 -0.81 -29.81 -12.08
N ASN B 129 -0.87 -29.60 -13.40
CA ASN B 129 -1.54 -30.54 -14.32
C ASN B 129 -3.01 -30.76 -14.00
N LEU B 130 -3.71 -29.67 -13.69
CA LEU B 130 -5.14 -29.68 -13.46
C LEU B 130 -5.81 -28.67 -14.37
N GLU B 131 -7.00 -29.04 -14.85
CA GLU B 131 -7.85 -28.15 -15.63
C GLU B 131 -9.03 -27.71 -14.80
N PHE B 132 -9.34 -26.43 -14.89
CA PHE B 132 -10.39 -25.80 -14.10
C PHE B 132 -11.48 -25.36 -15.06
N ASP B 133 -12.72 -25.75 -14.82
CA ASP B 133 -13.82 -25.48 -15.73
C ASP B 133 -15.15 -25.33 -15.01
N GLU B 134 -16.11 -24.74 -15.73
CA GLU B 134 -17.52 -24.65 -15.32
C GLU B 134 -17.69 -23.87 -14.02
N LEU B 135 -17.22 -22.61 -14.06
CA LEU B 135 -17.31 -21.69 -12.94
C LEU B 135 -17.69 -20.30 -13.46
N TRP B 136 -18.46 -20.27 -14.55
CA TRP B 136 -18.98 -19.02 -15.11
C TRP B 136 -20.48 -19.14 -15.31
N GLU B 137 -21.18 -18.03 -15.10
CA GLU B 137 -22.56 -17.93 -15.53
C GLU B 137 -22.82 -16.49 -15.91
N TRP B 138 -23.92 -16.28 -16.64
CA TRP B 138 -24.35 -14.96 -17.11
C TRP B 138 -24.77 -14.10 -15.94
N ASP B 139 -24.44 -12.81 -16.02
CA ASP B 139 -24.78 -11.87 -14.96
C ASP B 139 -25.97 -10.97 -15.27
N GLU B 140 -27.12 -11.30 -14.70
CA GLU B 140 -28.24 -10.35 -14.69
C GLU B 140 -28.19 -9.45 -13.47
N SER B 141 -27.86 -10.01 -12.31
CA SER B 141 -28.00 -9.34 -11.02
C SER B 141 -27.26 -8.00 -10.96
N THR B 142 -26.04 -7.97 -11.47
CA THR B 142 -25.27 -6.74 -11.49
C THR B 142 -25.04 -6.19 -12.90
N LYS B 143 -25.94 -6.56 -13.82
CA LYS B 143 -26.11 -5.83 -15.10
C LYS B 143 -24.83 -5.83 -15.94
N GLY B 144 -24.10 -6.93 -15.90
CA GLY B 144 -22.90 -7.06 -16.70
C GLY B 144 -21.61 -6.77 -15.95
N ASP B 145 -21.71 -6.29 -14.70
CA ASP B 145 -20.52 -5.96 -13.91
C ASP B 145 -19.83 -7.19 -13.30
N TYR B 146 -20.54 -8.32 -13.23
CA TYR B 146 -19.98 -9.53 -12.60
C TYR B 146 -19.45 -9.22 -11.20
N ASP B 147 -20.31 -8.58 -10.40
CA ASP B 147 -19.91 -8.13 -9.07
C ASP B 147 -20.56 -8.92 -7.95
N LYS B 148 -21.41 -9.87 -8.26
CA LYS B 148 -22.12 -10.58 -7.21
C LYS B 148 -21.51 -11.91 -6.76
N ASN B 149 -21.36 -12.85 -7.70
CA ASN B 149 -21.05 -14.23 -7.29
C ASN B 149 -19.66 -14.38 -6.68
N ASP B 150 -18.71 -13.58 -7.13
CA ASP B 150 -17.33 -13.61 -6.61
C ASP B 150 -16.69 -15.01 -6.77
N TRP B 151 -17.01 -15.71 -7.84
CA TRP B 151 -16.39 -17.01 -8.12
C TRP B 151 -15.09 -16.86 -8.90
N ASP B 152 -14.00 -17.33 -8.31
CA ASP B 152 -12.67 -17.28 -8.92
C ASP B 152 -12.09 -18.67 -8.87
N TYR B 153 -11.31 -19.09 -9.87
CA TYR B 153 -10.76 -20.44 -9.79
C TYR B 153 -9.79 -20.64 -8.66
N ILE B 154 -8.80 -19.75 -8.55
CA ILE B 154 -7.83 -19.84 -7.45
C ILE B 154 -7.58 -18.47 -6.89
N THR B 155 -7.64 -18.33 -5.56
CA THR B 155 -7.27 -17.09 -4.88
C THR B 155 -6.21 -17.43 -3.86
N LEU B 156 -5.14 -16.63 -3.83
CA LEU B 156 -4.07 -16.84 -2.86
C LEU B 156 -4.12 -15.67 -1.90
N GLU B 157 -4.10 -15.97 -0.60
CA GLU B 157 -4.19 -14.91 0.42
C GLU B 157 -3.17 -15.19 1.50
N GLU B 158 -2.41 -14.15 1.86
CA GLU B 158 -1.37 -14.19 2.88
C GLU B 158 -0.55 -15.48 2.87
N SER B 159 -0.14 -15.83 1.66
CA SER B 159 0.64 -17.05 1.45
C SER B 159 2.01 -16.74 0.88
N SER B 160 2.92 -17.70 0.92
CA SER B 160 4.29 -17.48 0.51
C SER B 160 4.84 -18.70 -0.20
N GLY B 161 5.20 -18.54 -1.48
CA GLY B 161 5.73 -19.62 -2.28
C GLY B 161 4.63 -20.49 -2.84
N VAL B 162 4.18 -20.14 -4.03
CA VAL B 162 3.09 -20.87 -4.69
C VAL B 162 3.51 -21.03 -6.14
N TRP B 163 3.52 -22.28 -6.62
CA TRP B 163 3.80 -22.58 -8.03
C TRP B 163 2.57 -23.22 -8.65
N ILE B 164 2.00 -22.55 -9.63
CA ILE B 164 0.87 -23.10 -10.40
C ILE B 164 1.41 -23.34 -11.79
N ASP B 165 1.37 -24.58 -12.26
CA ASP B 165 2.11 -24.91 -13.47
C ASP B 165 1.42 -26.00 -14.26
N HIS B 166 1.45 -25.88 -15.59
CA HIS B 166 0.75 -26.86 -16.44
C HIS B 166 -0.72 -27.02 -16.09
N CYS B 167 -1.38 -25.90 -15.81
CA CYS B 167 -2.81 -25.91 -15.57
C CYS B 167 -3.53 -25.23 -16.72
N VAL B 168 -4.82 -25.50 -16.83
CA VAL B 168 -5.69 -24.88 -17.84
C VAL B 168 -6.88 -24.29 -17.13
N PHE B 169 -7.25 -23.07 -17.49
CA PHE B 169 -8.37 -22.37 -16.92
C PHE B 169 -9.29 -21.91 -18.03
N ASN B 170 -10.57 -22.17 -17.83
CA ASN B 170 -11.61 -21.79 -18.78
C ASN B 170 -12.33 -20.54 -18.25
N LYS B 171 -13.57 -20.32 -18.62
CA LYS B 171 -14.27 -19.11 -18.20
C LYS B 171 -14.53 -19.12 -16.71
N ALA B 172 -14.39 -17.96 -16.09
CA ALA B 172 -14.82 -17.77 -14.70
C ALA B 172 -15.66 -16.53 -14.58
N TYR B 173 -16.65 -16.59 -13.68
CA TYR B 173 -17.48 -15.43 -13.39
C TYR B 173 -16.61 -14.20 -13.05
N ASP B 174 -15.67 -14.39 -12.15
CA ASP B 174 -14.72 -13.29 -11.84
CA ASP B 174 -14.71 -13.34 -11.90
C ASP B 174 -13.26 -13.68 -12.32
N GLY B 175 -12.36 -13.88 -11.38
CA GLY B 175 -10.97 -14.07 -11.76
C GLY B 175 -10.51 -15.48 -12.02
N LEU B 176 -9.36 -15.60 -12.66
CA LEU B 176 -8.80 -16.91 -12.94
C LEU B 176 -7.87 -17.31 -11.81
N VAL B 177 -6.74 -16.62 -11.67
CA VAL B 177 -5.89 -16.79 -10.49
C VAL B 177 -5.58 -15.40 -9.96
N ASP B 178 -6.05 -15.13 -8.75
CA ASP B 178 -5.86 -13.85 -8.08
C ASP B 178 -4.93 -13.99 -6.90
N SER B 179 -4.09 -12.97 -6.63
CA SER B 179 -3.12 -13.03 -5.53
C SER B 179 -3.34 -11.81 -4.69
N LYS B 180 -3.60 -12.03 -3.41
CA LYS B 180 -4.13 -11.00 -2.53
C LYS B 180 -3.50 -11.04 -1.16
N LYS B 181 -3.75 -9.96 -0.39
CA LYS B 181 -3.30 -9.92 0.99
C LYS B 181 -1.84 -10.27 1.19
N GLY B 182 -0.98 -9.62 0.41
CA GLY B 182 0.46 -9.73 0.60
C GLY B 182 1.10 -11.02 0.16
N THR B 183 0.40 -11.85 -0.59
CA THR B 183 0.97 -13.10 -1.05
C THR B 183 2.24 -12.87 -1.87
N SER B 184 3.30 -13.57 -1.49
CA SER B 184 4.60 -13.39 -2.12
C SER B 184 5.08 -14.71 -2.72
N GLY B 185 6.04 -14.62 -3.64
CA GLY B 185 6.69 -15.83 -4.14
C GLY B 185 5.82 -16.69 -5.05
N VAL B 186 5.07 -16.07 -5.97
CA VAL B 186 4.18 -16.82 -6.86
C VAL B 186 4.82 -16.93 -8.23
N THR B 187 4.81 -18.14 -8.78
CA THR B 187 5.14 -18.36 -10.20
C THR B 187 3.97 -19.10 -10.84
N ILE B 188 3.46 -18.59 -11.97
CA ILE B 188 2.50 -19.33 -12.77
C ILE B 188 3.12 -19.56 -14.14
N SER B 189 3.30 -20.83 -14.49
CA SER B 189 4.05 -21.19 -15.72
C SER B 189 3.41 -22.29 -16.51
N TRP B 190 3.72 -22.32 -17.81
CA TRP B 190 3.27 -23.41 -18.67
C TRP B 190 1.78 -23.67 -18.62
N SER B 191 1.00 -22.60 -18.50
CA SER B 191 -0.45 -22.73 -18.26
C SER B 191 -1.25 -22.04 -19.35
N THR B 192 -2.46 -22.54 -19.59
CA THR B 192 -3.36 -22.00 -20.61
C THR B 192 -4.56 -21.35 -19.91
N PHE B 193 -4.91 -20.15 -20.36
CA PHE B 193 -6.08 -19.41 -19.86
C PHE B 193 -6.87 -19.09 -21.10
N LYS B 194 -8.09 -19.62 -21.23
CA LYS B 194 -8.82 -19.43 -22.49
C LYS B 194 -10.29 -19.14 -22.28
N GLY B 195 -10.89 -18.51 -23.27
CA GLY B 195 -12.33 -18.31 -23.24
C GLY B 195 -13.07 -19.48 -23.85
N ASP B 196 -14.35 -19.28 -24.06
CA ASP B 196 -15.25 -20.27 -24.65
C ASP B 196 -15.14 -20.20 -26.16
N ASP B 197 -15.18 -21.34 -26.81
CA ASP B 197 -14.95 -21.37 -28.26
C ASP B 197 -16.17 -21.25 -29.13
N GLY B 198 -17.35 -21.12 -28.52
CA GLY B 198 -18.56 -20.88 -29.27
C GLY B 198 -19.07 -22.09 -30.02
N SER B 199 -18.59 -23.29 -29.69
CA SER B 199 -19.13 -24.51 -30.33
C SER B 199 -20.60 -24.72 -29.93
N PRO B 200 -21.33 -25.51 -30.74
CA PRO B 200 -22.77 -25.59 -30.51
C PRO B 200 -23.23 -26.18 -29.17
N ASN B 201 -22.37 -26.87 -28.46
CA ASN B 201 -22.69 -27.29 -27.09
C ASN B 201 -21.71 -26.73 -26.06
N SER B 202 -21.11 -25.59 -26.37
CA SER B 202 -20.15 -24.99 -25.42
C SER B 202 -20.88 -24.54 -24.16
N TRP B 203 -20.11 -24.33 -23.10
CA TRP B 203 -20.63 -23.89 -21.81
C TRP B 203 -21.41 -22.61 -21.93
N VAL B 204 -20.83 -21.65 -22.68
CA VAL B 204 -21.51 -20.38 -22.89
C VAL B 204 -22.75 -20.56 -23.78
N THR B 205 -22.65 -21.39 -24.81
CA THR B 205 -23.81 -21.59 -25.68
C THR B 205 -24.98 -22.19 -24.90
N ARG B 206 -24.68 -23.13 -24.01
CA ARG B 206 -25.71 -23.73 -23.16
C ARG B 206 -26.40 -22.68 -22.27
N GLN B 207 -25.62 -21.74 -21.73
CA GLN B 207 -26.17 -20.65 -20.94
C GLN B 207 -27.08 -19.78 -21.79
N ILE B 208 -26.63 -19.40 -22.98
CA ILE B 208 -27.43 -18.53 -23.84
C ILE B 208 -28.68 -19.24 -24.34
N ASN B 209 -28.58 -20.51 -24.72
CA ASN B 209 -29.76 -21.25 -25.20
C ASN B 209 -30.87 -21.26 -24.15
N GLU B 210 -30.52 -21.42 -22.88
CA GLU B 210 -31.51 -21.39 -21.80
C GLU B 210 -32.25 -20.06 -21.79
N MET B 211 -31.51 -18.96 -21.92
CA MET B 211 -32.15 -17.65 -21.86
C MET B 211 -32.97 -17.36 -23.10
N GLU B 212 -32.49 -17.79 -24.26
CA GLU B 212 -33.20 -17.58 -25.53
C GLU B 212 -34.59 -18.21 -25.49
N ALA B 213 -34.70 -19.32 -24.77
CA ALA B 213 -35.98 -20.03 -24.68
C ALA B 213 -36.92 -19.41 -23.66
N ASN B 214 -36.42 -18.49 -22.85
CA ASN B 214 -37.20 -17.92 -21.76
C ASN B 214 -36.83 -16.45 -21.56
N LYS B 215 -36.87 -15.67 -22.65
CA LYS B 215 -36.22 -14.36 -22.66
C LYS B 215 -36.72 -13.40 -21.59
N ALA B 216 -38.02 -13.42 -21.30
CA ALA B 216 -38.59 -12.50 -20.33
C ALA B 216 -38.04 -12.68 -18.92
N SER B 217 -37.42 -13.83 -18.66
CA SER B 217 -36.87 -14.10 -17.35
C SER B 217 -35.48 -13.51 -17.17
N TYR B 218 -34.92 -12.96 -18.25
CA TYR B 218 -33.55 -12.43 -18.22
C TYR B 218 -33.56 -11.04 -18.85
N PRO B 219 -33.85 -10.00 -18.05
CA PRO B 219 -34.09 -8.68 -18.62
C PRO B 219 -32.93 -8.09 -19.43
N MET B 220 -31.69 -8.27 -18.97
CA MET B 220 -30.56 -7.74 -19.74
C MET B 220 -30.44 -8.47 -21.06
N TYR B 221 -30.44 -9.79 -21.00
CA TYR B 221 -30.38 -10.58 -22.23
C TYR B 221 -31.51 -10.20 -23.21
N ASN B 222 -32.73 -10.07 -22.68
CA ASN B 222 -33.89 -9.69 -23.47
C ASN B 222 -33.67 -8.33 -24.14
N TYR B 223 -33.13 -7.36 -23.39
CA TYR B 223 -32.87 -6.04 -23.96
C TYR B 223 -31.85 -6.12 -25.08
N LEU B 224 -30.77 -6.86 -24.86
CA LEU B 224 -29.73 -7.02 -25.89
C LEU B 224 -30.25 -7.61 -27.21
N ARG B 225 -31.15 -8.58 -27.09
CA ARG B 225 -31.79 -9.24 -28.24
C ARG B 225 -32.87 -8.41 -28.88
N SER B 226 -33.37 -7.41 -28.15
CA SER B 226 -34.53 -6.60 -28.61
C SER B 226 -34.09 -5.62 -29.70
N SER B 227 -35.07 -5.01 -30.35
CA SER B 227 -34.80 -4.04 -31.39
C SER B 227 -34.14 -2.75 -30.88
N ALA B 228 -34.02 -2.56 -29.57
CA ALA B 228 -33.26 -1.45 -29.05
C ALA B 228 -31.75 -1.61 -29.32
N VAL B 229 -31.27 -2.85 -29.45
CA VAL B 229 -29.84 -3.13 -29.61
C VAL B 229 -29.57 -3.94 -30.88
N GLY B 230 -30.30 -5.05 -31.03
CA GLY B 230 -30.24 -5.83 -32.25
C GLY B 230 -29.17 -6.91 -32.31
N LEU B 231 -28.66 -7.35 -31.16
CA LEU B 231 -27.72 -8.46 -31.13
C LEU B 231 -28.44 -9.76 -31.35
N SER B 232 -27.84 -10.62 -32.17
CA SER B 232 -28.35 -11.97 -32.34
C SER B 232 -27.90 -12.87 -31.18
N LYS B 233 -28.54 -14.02 -31.03
CA LYS B 233 -28.09 -15.01 -30.04
C LYS B 233 -26.63 -15.39 -30.31
N GLU B 234 -26.28 -15.59 -31.59
CA GLU B 234 -24.92 -15.91 -31.97
C GLU B 234 -23.93 -14.80 -31.61
N ASP B 235 -24.35 -13.56 -31.82
CA ASP B 235 -23.55 -12.39 -31.42
C ASP B 235 -23.25 -12.40 -29.93
N ILE B 236 -24.27 -12.68 -29.13
CA ILE B 236 -24.11 -12.68 -27.66
C ILE B 236 -23.21 -13.82 -27.21
N ILE B 237 -23.30 -14.97 -27.85
CA ILE B 237 -22.39 -16.08 -27.55
C ILE B 237 -20.95 -15.70 -27.89
N ALA B 238 -20.75 -15.06 -29.03
CA ALA B 238 -19.40 -14.66 -29.45
C ALA B 238 -18.80 -13.62 -28.52
N ILE B 239 -19.59 -12.63 -28.14
CA ILE B 239 -19.10 -11.56 -27.26
C ILE B 239 -18.86 -12.07 -25.85
N SER B 240 -19.69 -13.00 -25.40
CA SER B 240 -19.56 -13.61 -24.08
C SER B 240 -18.47 -14.66 -24.00
N GLY B 241 -17.91 -15.06 -25.14
CA GLY B 241 -16.91 -16.14 -25.12
C GLY B 241 -15.62 -15.77 -24.43
N SER B 242 -15.17 -14.54 -24.61
CA SER B 242 -13.89 -14.16 -24.02
C SER B 242 -14.03 -13.98 -22.51
N GLN B 243 -12.93 -14.22 -21.82
CA GLN B 243 -12.91 -14.12 -20.36
C GLN B 243 -12.64 -12.69 -19.92
N LYS B 244 -13.47 -12.16 -19.04
CA LYS B 244 -13.41 -10.73 -18.71
C LYS B 244 -12.17 -10.38 -17.87
N LYS B 245 -11.79 -11.24 -16.93
CA LYS B 245 -10.72 -10.91 -15.96
C LYS B 245 -9.67 -12.01 -15.86
N GLY B 246 -8.38 -11.65 -15.94
CA GLY B 246 -7.31 -12.61 -15.80
C GLY B 246 -6.78 -12.73 -14.36
N HIS B 247 -5.73 -11.98 -14.05
CA HIS B 247 -5.07 -12.04 -12.73
C HIS B 247 -5.19 -10.72 -11.97
N LEU B 248 -5.90 -10.72 -10.86
CA LEU B 248 -5.91 -9.56 -9.96
C LEU B 248 -4.82 -9.76 -8.92
N VAL B 249 -3.75 -8.98 -9.00
CA VAL B 249 -2.63 -9.09 -8.06
C VAL B 249 -2.63 -7.82 -7.20
N GLY B 250 -3.27 -7.93 -6.05
CA GLY B 250 -3.56 -6.80 -5.17
C GLY B 250 -4.97 -6.32 -5.39
N ALA B 251 -5.86 -6.66 -4.46
CA ALA B 251 -7.29 -6.42 -4.69
C ALA B 251 -7.84 -5.14 -4.08
N THR B 252 -7.13 -4.53 -3.15
CA THR B 252 -7.62 -3.35 -2.46
C THR B 252 -6.67 -2.18 -2.68
N SER B 253 -7.22 -1.03 -3.01
CA SER B 253 -6.44 0.15 -3.35
C SER B 253 -5.62 0.69 -2.20
N ASP B 254 -4.37 1.00 -2.52
CA ASP B 254 -3.48 1.75 -1.62
C ASP B 254 -3.28 1.09 -0.26
N GLU B 255 -3.20 -0.24 -0.24
CA GLU B 255 -2.80 -0.97 0.95
C GLU B 255 -1.28 -1.28 0.87
N SER B 256 -0.51 -1.03 1.93
CA SER B 256 0.92 -1.28 1.89
C SER B 256 1.29 -2.76 1.73
N ALA B 257 0.39 -3.68 2.15
CA ALA B 257 0.63 -5.10 1.95
C ALA B 257 0.78 -5.43 0.48
N ASN B 258 0.25 -4.57 -0.39
CA ASN B 258 0.41 -4.80 -1.82
C ASN B 258 1.87 -4.76 -2.26
N ALA B 259 2.69 -4.01 -1.52
CA ALA B 259 4.08 -3.89 -1.88
C ALA B 259 4.81 -5.21 -1.74
N ASN B 260 4.22 -6.12 -0.96
CA ASN B 260 4.82 -7.44 -0.76
C ASN B 260 4.44 -8.46 -1.82
N LEU B 261 3.47 -8.12 -2.66
CA LEU B 261 3.10 -9.04 -3.76
C LEU B 261 4.26 -9.22 -4.72
N SER B 262 4.55 -10.47 -5.03
CA SER B 262 5.51 -10.79 -6.11
C SER B 262 4.98 -11.97 -6.93
N ILE B 263 5.10 -11.85 -8.25
CA ILE B 263 4.60 -12.87 -9.14
C ILE B 263 5.40 -12.91 -10.43
N THR B 264 5.70 -14.13 -10.88
CA THR B 264 6.32 -14.39 -12.19
C THR B 264 5.32 -15.16 -13.05
N LEU B 265 5.10 -14.69 -14.27
CA LEU B 265 4.26 -15.39 -15.27
C LEU B 265 5.16 -15.74 -16.41
N HIS B 266 5.18 -17.01 -16.84
CA HIS B 266 5.99 -17.32 -17.99
C HIS B 266 5.53 -18.57 -18.72
N HIS B 267 5.71 -18.56 -20.03
CA HIS B 267 5.29 -19.69 -20.88
C HIS B 267 3.82 -20.01 -20.70
N ASN B 268 3.02 -18.94 -20.56
CA ASN B 268 1.56 -19.05 -20.50
C ASN B 268 0.91 -18.51 -21.75
N VAL B 269 -0.24 -19.08 -22.11
CA VAL B 269 -1.06 -18.55 -23.20
C VAL B 269 -2.33 -17.96 -22.60
N TYR B 270 -2.58 -16.68 -22.88
CA TYR B 270 -3.81 -16.00 -22.49
C TYR B 270 -4.62 -15.78 -23.75
N LYS B 271 -5.51 -16.72 -24.05
CA LYS B 271 -6.30 -16.70 -25.28
C LYS B 271 -7.68 -16.12 -25.01
N ASP B 272 -7.95 -14.96 -25.61
CA ASP B 272 -9.22 -14.26 -25.47
C ASP B 272 -9.52 -13.94 -24.01
N ILE B 273 -8.50 -13.40 -23.34
CA ILE B 273 -8.60 -12.83 -22.00
C ILE B 273 -8.60 -11.30 -22.16
N GLN B 274 -9.64 -10.64 -21.66
CA GLN B 274 -9.89 -9.24 -21.98
C GLN B 274 -9.03 -8.25 -21.18
N ASP B 275 -8.48 -8.69 -20.05
CA ASP B 275 -8.00 -7.75 -19.05
C ASP B 275 -7.16 -8.45 -18.03
N ARG B 276 -6.29 -7.68 -17.38
CA ARG B 276 -5.52 -8.11 -16.21
C ARG B 276 -4.50 -9.23 -16.51
N MET B 277 -3.53 -8.95 -17.37
CA MET B 277 -2.47 -9.93 -17.67
C MET B 277 -1.08 -9.38 -17.34
N PRO B 278 -0.82 -9.10 -16.06
CA PRO B 278 -1.68 -9.07 -14.88
C PRO B 278 -2.19 -7.66 -14.64
N ARG B 279 -3.07 -7.48 -13.67
CA ARG B 279 -3.31 -6.16 -13.12
C ARG B 279 -2.64 -6.10 -11.75
N LEU B 280 -1.65 -5.23 -11.58
CA LEU B 280 -0.89 -5.17 -10.35
C LEU B 280 -1.12 -3.88 -9.56
N ARG B 281 -1.18 -3.98 -8.23
CA ARG B 281 -1.04 -2.83 -7.35
C ARG B 281 0.20 -3.04 -6.52
N GLY B 282 1.08 -2.03 -6.48
CA GLY B 282 2.11 -1.91 -5.44
C GLY B 282 3.33 -2.80 -5.50
N GLY B 283 3.16 -4.05 -5.88
CA GLY B 283 4.27 -5.02 -5.75
C GLY B 283 5.16 -5.11 -6.97
N ASN B 284 5.61 -6.32 -7.26
CA ASN B 284 6.53 -6.62 -8.38
C ASN B 284 5.98 -7.77 -9.20
N ALA B 285 5.78 -7.58 -10.50
CA ALA B 285 5.36 -8.65 -11.38
C ALA B 285 6.24 -8.72 -12.60
N HIS B 286 6.66 -9.93 -12.96
CA HIS B 286 7.50 -10.17 -14.12
C HIS B 286 6.81 -11.21 -15.02
N ALA B 287 6.54 -10.83 -16.27
CA ALA B 287 6.06 -11.76 -17.28
C ALA B 287 7.09 -11.89 -18.36
N TYR B 288 7.43 -13.12 -18.67
CA TYR B 288 8.31 -13.38 -19.80
C TYR B 288 7.80 -14.53 -20.63
N ASN B 289 8.02 -14.44 -21.94
CA ASN B 289 7.58 -15.51 -22.84
C ASN B 289 6.12 -15.89 -22.62
N ILE B 290 5.24 -14.89 -22.53
CA ILE B 290 3.79 -15.16 -22.50
C ILE B 290 3.18 -14.72 -23.80
N ILE B 291 1.97 -15.21 -24.03
CA ILE B 291 1.20 -14.81 -25.20
C ILE B 291 -0.13 -14.22 -24.73
N MET B 292 -0.44 -13.01 -25.18
CA MET B 292 -1.79 -12.44 -25.01
C MET B 292 -2.37 -12.40 -26.39
N ASP B 293 -3.24 -13.35 -26.70
CA ASP B 293 -3.82 -13.44 -28.04
C ASP B 293 -5.32 -13.25 -27.93
N ALA B 294 -5.75 -12.05 -28.27
CA ALA B 294 -7.16 -11.65 -28.15
C ALA B 294 -7.84 -11.59 -29.54
N THR B 295 -7.36 -12.39 -30.48
CA THR B 295 -7.90 -12.40 -31.86
C THR B 295 -9.42 -12.55 -31.89
N ASP B 296 -9.97 -13.52 -31.15
CA ASP B 296 -11.40 -13.76 -31.22
C ASP B 296 -12.22 -12.71 -30.52
N ALA B 297 -11.72 -12.16 -29.42
CA ALA B 297 -12.40 -11.06 -28.74
C ALA B 297 -12.48 -9.83 -29.65
N ARG B 298 -11.40 -9.56 -30.37
CA ARG B 298 -11.33 -8.41 -31.28
C ARG B 298 -12.35 -8.60 -32.41
N ALA B 299 -12.43 -9.82 -32.93
CA ALA B 299 -13.45 -10.12 -33.94
C ALA B 299 -14.86 -9.90 -33.36
N ALA B 300 -15.08 -10.34 -32.13
CA ALA B 300 -16.40 -10.20 -31.53
C ALA B 300 -16.79 -8.74 -31.38
N GLN B 301 -15.83 -7.88 -31.07
CA GLN B 301 -16.09 -6.44 -30.95
C GLN B 301 -16.68 -5.88 -32.25
N THR B 302 -16.35 -6.47 -33.40
CA THR B 302 -16.90 -5.95 -34.67
C THR B 302 -18.42 -6.11 -34.75
N ARG B 303 -18.97 -6.98 -33.92
CA ARG B 303 -20.43 -7.20 -33.86
C ARG B 303 -21.17 -6.10 -33.11
N ILE B 304 -20.45 -5.24 -32.39
CA ILE B 304 -21.10 -4.14 -31.68
C ILE B 304 -20.68 -2.82 -32.27
N THR B 305 -21.60 -2.18 -33.01
CA THR B 305 -21.28 -0.90 -33.61
C THR B 305 -21.44 0.18 -32.59
N SER B 306 -20.98 1.36 -32.94
CA SER B 306 -21.07 2.49 -32.03
C SER B 306 -22.50 2.74 -31.56
N GLY B 307 -23.48 2.68 -32.47
CA GLY B 307 -24.87 2.92 -32.09
C GLY B 307 -25.44 1.85 -31.17
N MET B 308 -25.00 0.62 -31.39
CA MET B 308 -25.39 -0.48 -30.51
C MET B 308 -24.80 -0.28 -29.12
N ALA B 309 -23.52 0.08 -29.07
CA ALA B 309 -22.84 0.32 -27.79
C ALA B 309 -23.54 1.42 -27.00
N ALA B 310 -24.00 2.47 -27.68
CA ALA B 310 -24.69 3.55 -27.02
C ALA B 310 -26.00 3.10 -26.43
N ALA B 311 -26.72 2.27 -27.18
CA ALA B 311 -27.96 1.74 -26.68
C ALA B 311 -27.78 0.83 -25.46
N ILE B 312 -26.72 0.03 -25.48
CA ILE B 312 -26.43 -0.87 -24.36
C ILE B 312 -26.13 -0.04 -23.08
N ALA B 313 -25.24 0.93 -23.21
CA ALA B 313 -24.82 1.75 -22.07
C ALA B 313 -25.94 2.67 -21.60
N SER B 314 -26.81 3.09 -22.53
CA SER B 314 -27.85 4.04 -22.13
C SER B 314 -28.82 3.44 -21.10
N LYS B 315 -28.91 2.11 -21.05
CA LYS B 315 -29.77 1.44 -20.06
C LYS B 315 -29.01 0.98 -18.79
N GLY B 316 -27.73 1.32 -18.73
CA GLY B 316 -26.90 1.03 -17.57
C GLY B 316 -26.28 -0.36 -17.59
N TYR B 317 -26.30 -1.01 -18.75
CA TYR B 317 -25.72 -2.34 -18.88
C TYR B 317 -24.28 -2.26 -19.30
N LYS B 318 -23.45 -3.18 -18.81
CA LYS B 318 -22.11 -3.32 -19.32
C LYS B 318 -22.08 -4.61 -20.15
N PHE B 319 -21.83 -4.49 -21.45
CA PHE B 319 -21.74 -5.65 -22.33
C PHE B 319 -20.88 -5.28 -23.52
N GLY B 320 -19.68 -5.84 -23.58
CA GLY B 320 -18.75 -5.48 -24.63
C GLY B 320 -17.41 -6.13 -24.42
N ILE B 321 -16.40 -5.61 -25.11
CA ILE B 321 -15.08 -6.23 -25.07
C ILE B 321 -14.06 -5.24 -24.52
N THR B 322 -13.53 -5.51 -23.33
CA THR B 322 -12.37 -4.77 -22.85
C THR B 322 -11.14 -5.34 -23.56
N SER B 323 -10.17 -4.47 -23.86
CA SER B 323 -9.00 -4.86 -24.65
C SER B 323 -7.73 -4.34 -24.01
N ASN B 324 -7.41 -4.87 -22.83
CA ASN B 324 -6.22 -4.48 -22.09
C ASN B 324 -5.25 -5.61 -22.05
N GLY B 325 -3.99 -5.29 -21.76
CA GLY B 325 -2.94 -6.28 -21.59
C GLY B 325 -2.41 -6.32 -20.18
N ALA B 326 -1.21 -5.77 -19.98
CA ALA B 326 -0.61 -5.66 -18.64
C ALA B 326 -0.88 -4.29 -18.04
N ILE B 327 -1.15 -4.26 -16.74
CA ILE B 327 -1.53 -3.04 -16.05
C ILE B 327 -0.76 -2.93 -14.75
N SER B 328 -0.01 -1.83 -14.59
CA SER B 328 0.70 -1.55 -13.37
C SER B 328 0.10 -0.31 -12.72
N THR B 329 -0.31 -0.43 -11.47
CA THR B 329 -0.92 0.71 -10.75
C THR B 329 -0.30 0.91 -9.38
N GLU B 330 -0.51 2.10 -8.82
CA GLU B 330 -0.24 2.35 -7.39
C GLU B 330 1.18 1.98 -7.02
N SER B 331 2.10 2.51 -7.82
CA SER B 331 3.54 2.38 -7.58
C SER B 331 4.08 0.97 -7.74
N ASN B 332 3.29 0.08 -8.31
CA ASN B 332 3.76 -1.26 -8.66
C ASN B 332 4.80 -1.24 -9.77
N ALA B 333 5.46 -2.38 -9.97
CA ALA B 333 6.44 -2.53 -11.05
C ALA B 333 6.08 -3.75 -11.87
N VAL B 334 5.83 -3.58 -13.16
CA VAL B 334 5.58 -4.69 -14.07
C VAL B 334 6.58 -4.65 -15.22
N LEU B 335 7.29 -5.77 -15.43
CA LEU B 335 8.08 -5.93 -16.65
C LEU B 335 7.53 -7.06 -17.49
N VAL B 336 7.25 -6.79 -18.77
CA VAL B 336 6.90 -7.84 -19.73
C VAL B 336 8.04 -7.98 -20.72
N GLU B 337 8.55 -9.19 -20.94
CA GLU B 337 9.60 -9.29 -21.95
C GLU B 337 9.46 -10.52 -22.84
N LYS B 338 9.95 -10.38 -24.07
CA LYS B 338 10.04 -11.50 -25.01
C LYS B 338 8.70 -12.21 -25.13
N SER B 339 7.67 -11.41 -25.29
CA SER B 339 6.32 -11.95 -25.33
C SER B 339 5.66 -11.66 -26.70
N VAL B 340 4.45 -12.17 -26.88
CA VAL B 340 3.68 -11.95 -28.12
C VAL B 340 2.32 -11.42 -27.72
N ILE B 341 1.92 -10.29 -28.29
CA ILE B 341 0.65 -9.65 -27.98
C ILE B 341 -0.09 -9.43 -29.28
N LYS B 342 -1.30 -9.97 -29.39
CA LYS B 342 -2.06 -9.87 -30.62
C LYS B 342 -3.46 -9.39 -30.37
N ASP B 343 -3.84 -8.30 -31.03
CA ASP B 343 -5.20 -7.77 -31.04
C ASP B 343 -5.70 -7.32 -29.67
N VAL B 344 -4.77 -6.81 -28.87
CA VAL B 344 -5.05 -6.12 -27.62
C VAL B 344 -4.81 -4.62 -27.86
N GLN B 345 -5.86 -3.82 -27.74
CA GLN B 345 -5.79 -2.41 -28.11
C GLN B 345 -4.92 -1.58 -27.16
N TYR B 346 -4.99 -1.88 -25.85
CA TYR B 346 -4.25 -1.13 -24.86
C TYR B 346 -3.37 -2.09 -24.08
N PRO B 347 -2.28 -2.50 -24.68
CA PRO B 347 -1.46 -3.57 -24.09
C PRO B 347 -0.69 -3.18 -22.84
N VAL B 348 -0.48 -1.90 -22.59
CA VAL B 348 0.41 -1.44 -21.52
C VAL B 348 -0.24 -0.24 -20.84
N ARG B 349 -0.74 -0.45 -19.63
CA ARG B 349 -1.47 0.61 -18.90
C ARG B 349 -0.80 0.87 -17.58
N ASN B 350 -0.85 2.13 -17.17
CA ASN B 350 -0.14 2.57 -15.97
C ASN B 350 -1.00 3.28 -14.93
N ASN B 351 -2.30 3.42 -15.17
CA ASN B 351 -3.16 4.14 -14.22
C ASN B 351 -4.61 3.92 -14.64
N GLN B 352 -5.38 3.27 -13.78
CA GLN B 352 -6.79 2.94 -14.06
C GLN B 352 -7.80 3.85 -13.35
N THR B 353 -7.37 4.63 -12.38
CA THR B 353 -8.29 5.30 -11.47
C THR B 353 -8.41 6.81 -11.68
N ASP B 354 -7.28 7.50 -11.91
CA ASP B 354 -7.25 8.96 -12.13
C ASP B 354 -5.90 9.36 -12.69
N PRO B 355 -5.83 9.59 -14.02
CA PRO B 355 -4.53 9.81 -14.67
C PRO B 355 -3.76 11.03 -14.20
N THR B 356 -4.41 11.99 -13.56
CA THR B 356 -3.69 13.16 -13.00
C THR B 356 -3.38 13.07 -11.52
N ASN B 357 -3.63 11.89 -10.94
CA ASN B 357 -3.24 11.66 -9.55
C ASN B 357 -2.17 10.55 -9.59
N ALA B 358 -0.93 10.98 -9.40
CA ALA B 358 0.25 10.11 -9.54
C ALA B 358 0.21 8.95 -8.56
N THR B 359 -0.50 9.12 -7.45
CA THR B 359 -0.61 8.07 -6.45
C THR B 359 -1.16 6.79 -7.09
N TYR B 360 -1.97 6.93 -8.15
CA TYR B 360 -2.55 5.76 -8.81
C TYR B 360 -1.71 5.19 -9.96
N THR B 361 -0.61 5.86 -10.30
CA THR B 361 0.24 5.40 -11.40
C THR B 361 1.24 4.34 -10.96
N GLY B 362 1.35 3.28 -11.74
CA GLY B 362 2.39 2.27 -11.57
C GLY B 362 3.48 2.39 -12.62
N LYS B 363 4.56 1.68 -12.36
CA LYS B 363 5.69 1.62 -13.29
C LYS B 363 5.60 0.37 -14.15
N ILE B 364 5.87 0.50 -15.44
CA ILE B 364 5.73 -0.61 -16.36
C ILE B 364 6.67 -0.44 -17.55
N ARG B 365 7.25 -1.55 -17.97
CA ARG B 365 8.15 -1.58 -19.10
C ARG B 365 7.94 -2.86 -19.90
N VAL B 366 8.06 -2.79 -21.22
CA VAL B 366 8.00 -3.95 -22.11
C VAL B 366 9.28 -4.00 -22.92
N ALA B 367 9.86 -5.18 -23.02
CA ALA B 367 11.11 -5.34 -23.73
C ALA B 367 10.96 -6.42 -24.79
N ASP B 368 11.60 -6.20 -25.95
CA ASP B 368 11.64 -7.10 -27.10
C ASP B 368 10.42 -8.01 -27.23
N THR B 369 9.29 -7.36 -27.51
CA THR B 369 8.00 -8.03 -27.58
C THR B 369 7.36 -7.77 -28.94
N ILE B 370 6.71 -8.80 -29.47
CA ILE B 370 6.00 -8.76 -30.74
C ILE B 370 4.57 -8.31 -30.48
N TYR B 371 4.10 -7.31 -31.25
CA TYR B 371 2.77 -6.74 -31.07
C TYR B 371 2.09 -6.61 -32.43
N SER B 372 0.80 -6.91 -32.47
CA SER B 372 -0.01 -6.76 -33.69
C SER B 372 -1.41 -6.33 -33.30
N LEU B 373 -1.96 -5.35 -33.99
CA LEU B 373 -3.33 -4.90 -33.77
C LEU B 373 -3.94 -4.67 -35.14
N ASP B 374 -4.98 -5.44 -35.44
CA ASP B 374 -5.71 -5.30 -36.71
C ASP B 374 -4.77 -5.40 -37.91
N GLY B 375 -3.82 -6.32 -37.83
CA GLY B 375 -2.90 -6.57 -38.93
C GLY B 375 -1.60 -5.81 -38.91
N SER B 376 -1.42 -4.92 -37.94
CA SER B 376 -0.18 -4.17 -37.82
C SER B 376 0.96 -5.10 -37.42
N SER B 377 2.18 -4.60 -37.45
CA SER B 377 3.30 -5.43 -37.04
C SER B 377 4.36 -4.58 -36.36
N PHE B 378 4.70 -4.94 -35.12
CA PHE B 378 5.73 -4.23 -34.37
C PHE B 378 6.50 -5.25 -33.54
N ARG B 379 7.81 -5.07 -33.41
CA ARG B 379 8.59 -5.82 -32.42
C ARG B 379 9.52 -4.83 -31.76
N GLY B 380 9.47 -4.75 -30.44
CA GLY B 380 10.35 -3.82 -29.76
C GLY B 380 9.97 -3.58 -28.32
N SER B 381 10.28 -2.40 -27.85
CA SER B 381 10.07 -2.07 -26.44
C SER B 381 9.01 -1.00 -26.29
N ARG B 382 8.68 -0.73 -25.05
CA ARG B 382 7.70 0.29 -24.72
C ARG B 382 8.30 1.69 -24.74
N ASP B 383 9.62 1.77 -24.87
CA ASP B 383 10.36 3.02 -24.60
C ASP B 383 10.75 3.84 -25.81
N THR B 384 10.69 3.26 -27.00
CA THR B 384 11.15 3.97 -28.19
C THR B 384 10.04 4.89 -28.67
N ALA B 385 10.43 5.95 -29.38
CA ALA B 385 9.46 6.94 -29.83
C ALA B 385 8.40 6.31 -30.72
N GLY B 386 7.16 6.65 -30.44
CA GLY B 386 6.04 6.15 -31.22
C GLY B 386 5.65 4.70 -30.98
N SER B 387 6.25 4.04 -29.99
CA SER B 387 5.98 2.63 -29.77
C SER B 387 4.52 2.35 -29.46
N PRO B 388 3.93 1.33 -30.10
CA PRO B 388 2.54 0.99 -29.72
C PRO B 388 2.47 0.29 -28.34
N LEU B 389 3.61 -0.01 -27.74
CA LEU B 389 3.68 -0.57 -26.39
C LEU B 389 3.96 0.49 -25.32
N ALA B 390 3.91 1.78 -25.67
CA ALA B 390 4.17 2.83 -24.68
C ALA B 390 3.06 2.81 -23.63
N PRO B 391 3.41 3.08 -22.38
CA PRO B 391 2.38 3.07 -21.34
C PRO B 391 1.40 4.22 -21.48
N VAL B 392 0.12 3.94 -21.24
CA VAL B 392 -0.92 4.96 -21.21
C VAL B 392 -1.77 4.74 -19.97
N PRO B 393 -2.46 5.77 -19.47
CA PRO B 393 -2.57 7.13 -20.00
C PRO B 393 -1.89 8.19 -19.13
N ALA B 394 -1.28 7.81 -18.02
CA ALA B 394 -0.77 8.81 -17.08
C ALA B 394 0.66 9.17 -17.37
N ALA B 395 1.08 10.31 -16.87
CA ALA B 395 2.49 10.68 -16.91
C ALA B 395 3.33 9.49 -16.40
N ILE B 396 4.38 9.16 -17.13
CA ILE B 396 5.11 7.93 -16.87
C ILE B 396 6.03 8.05 -15.66
N LYS B 397 5.94 7.07 -14.75
CA LYS B 397 6.93 6.93 -13.68
C LYS B 397 8.03 6.03 -14.22
N PRO B 398 9.29 6.51 -14.27
CA PRO B 398 10.37 5.71 -14.85
C PRO B 398 10.47 4.31 -14.23
N PHE B 399 10.65 3.30 -15.06
CA PHE B 399 10.62 1.94 -14.54
C PHE B 399 11.77 1.63 -13.62
N SER B 400 11.43 0.99 -12.52
CA SER B 400 12.42 0.32 -11.67
C SER B 400 11.64 -0.65 -10.81
N TRP B 401 12.31 -1.69 -10.34
CA TRP B 401 11.66 -2.62 -9.42
C TRP B 401 11.43 -1.99 -8.06
N ASN B 402 10.57 -2.63 -7.26
CA ASN B 402 10.35 -2.12 -5.92
C ASN B 402 11.15 -2.90 -4.89
N GLY B 403 12.28 -2.31 -4.49
CA GLY B 403 13.10 -2.82 -3.40
C GLY B 403 14.40 -3.48 -3.76
N PHE B 404 14.61 -3.70 -5.05
CA PHE B 404 15.84 -4.30 -5.53
C PHE B 404 16.16 -3.72 -6.89
N SER B 405 17.43 -3.82 -7.28
CA SER B 405 17.86 -3.30 -8.56
C SER B 405 17.54 -4.26 -9.70
N ILE B 406 17.90 -5.53 -9.53
CA ILE B 406 17.59 -6.54 -10.54
C ILE B 406 16.84 -7.70 -9.90
N LEU B 407 16.09 -8.44 -10.71
CA LEU B 407 15.31 -9.54 -10.18
C LEU B 407 16.18 -10.54 -9.45
N PRO B 408 15.68 -11.09 -8.35
CA PRO B 408 16.46 -11.99 -7.47
C PRO B 408 16.54 -13.43 -7.96
N TYR B 409 16.34 -13.65 -9.25
CA TYR B 409 16.44 -14.98 -9.83
C TYR B 409 16.91 -14.86 -11.26
N SER B 410 17.50 -15.94 -11.76
CA SER B 410 17.84 -16.04 -13.17
C SER B 410 16.76 -16.88 -13.85
N TYR B 411 16.78 -16.88 -15.17
CA TYR B 411 15.73 -17.51 -15.97
C TYR B 411 16.21 -17.59 -17.42
N GLN B 412 15.65 -18.53 -18.16
CA GLN B 412 15.99 -18.73 -19.57
C GLN B 412 14.93 -18.08 -20.42
N LEU B 413 15.35 -17.31 -21.43
CA LEU B 413 14.42 -16.66 -22.36
C LEU B 413 14.42 -17.25 -23.75
N ASP B 414 13.22 -17.56 -24.25
CA ASP B 414 13.04 -17.96 -25.65
C ASP B 414 12.80 -16.72 -26.51
N ASP B 415 13.05 -16.84 -27.81
CA ASP B 415 12.72 -15.77 -28.73
C ASP B 415 11.23 -15.72 -28.94
N PRO B 416 10.65 -14.52 -28.90
CA PRO B 416 9.20 -14.49 -29.07
C PRO B 416 8.73 -14.94 -30.45
N SER B 417 9.58 -14.93 -31.48
CA SER B 417 9.11 -15.26 -32.82
C SER B 417 8.70 -16.72 -32.98
N THR B 418 9.15 -17.59 -32.08
CA THR B 418 8.80 -19.01 -32.14
C THR B 418 7.93 -19.46 -30.96
N LEU B 419 7.48 -18.49 -30.18
CA LEU B 419 6.80 -18.78 -28.93
C LEU B 419 5.39 -19.34 -29.15
N ASN B 420 4.65 -18.80 -30.12
CA ASN B 420 3.34 -19.31 -30.39
C ASN B 420 3.35 -20.76 -30.80
N ALA B 421 4.30 -21.13 -31.66
CA ALA B 421 4.40 -22.52 -32.06
C ALA B 421 4.70 -23.43 -30.86
N ARG B 422 5.62 -23.00 -30.01
CA ARG B 422 6.01 -23.81 -28.84
C ARG B 422 4.90 -24.00 -27.84
N LEU B 423 4.22 -22.89 -27.51
CA LEU B 423 3.22 -22.95 -26.44
C LEU B 423 1.93 -23.62 -26.86
N THR B 424 1.64 -23.65 -28.17
CA THR B 424 0.41 -24.28 -28.67
C THR B 424 0.65 -25.67 -29.27
N ALA B 425 1.86 -26.19 -29.12
CA ALA B 425 2.15 -27.53 -29.60
C ALA B 425 1.46 -28.58 -28.72
N SER B 426 1.46 -29.83 -29.17
CA SER B 426 0.89 -30.92 -28.39
C SER B 426 1.55 -31.09 -27.01
N ASN B 427 2.80 -30.67 -26.89
CA ASN B 427 3.50 -30.65 -25.60
C ASN B 427 3.69 -29.21 -25.10
N GLY B 428 2.71 -28.36 -25.38
CA GLY B 428 2.79 -26.95 -25.04
C GLY B 428 2.25 -26.65 -23.66
N ALA B 429 1.72 -25.43 -23.51
CA ALA B 429 1.16 -24.98 -22.22
C ALA B 429 -0.17 -25.66 -21.94
N GLY B 430 -0.43 -25.86 -20.65
CA GLY B 430 -1.69 -26.40 -20.18
C GLY B 430 -1.60 -27.77 -19.52
N ALA B 431 -2.74 -28.17 -18.95
CA ALA B 431 -2.96 -29.50 -18.40
C ALA B 431 -3.15 -30.54 -19.49
N GLY B 432 -2.71 -31.75 -19.19
CA GLY B 432 -2.93 -32.88 -20.08
C GLY B 432 -2.09 -32.85 -21.33
N LYS B 433 -1.02 -32.05 -21.34
CA LYS B 433 -0.17 -31.91 -22.52
C LYS B 433 1.10 -32.69 -22.35
N LEU B 434 1.60 -32.65 -21.13
CA LEU B 434 2.87 -33.25 -20.84
C LEU B 434 2.58 -34.60 -20.24
N SER B 435 3.01 -35.64 -20.94
CA SER B 435 2.80 -37.00 -20.50
C SER B 435 4.15 -37.56 -20.18
N TRP B 436 4.43 -37.69 -18.88
CA TRP B 436 5.65 -38.30 -18.37
C TRP B 436 5.29 -39.06 -17.11
N SER B 437 6.21 -39.83 -16.54
CA SER B 437 5.87 -40.58 -15.35
C SER B 437 5.43 -39.62 -14.23
N LYS B 438 4.44 -40.02 -13.44
CA LYS B 438 3.76 -39.05 -12.56
C LYS B 438 4.63 -38.47 -11.45
N ASP B 439 5.70 -39.16 -11.08
CA ASP B 439 6.63 -38.64 -10.09
C ASP B 439 7.24 -37.32 -10.57
N ASN B 440 7.27 -37.10 -11.88
CA ASN B 440 7.83 -35.84 -12.39
C ASN B 440 7.02 -34.63 -11.98
N TRP B 441 5.74 -34.83 -11.68
CA TRP B 441 4.92 -33.73 -11.23
C TRP B 441 5.26 -33.26 -9.82
N LEU B 442 5.99 -34.06 -9.06
CA LEU B 442 6.41 -33.66 -7.71
C LEU B 442 7.75 -32.93 -7.70
N LYS B 443 8.49 -33.04 -8.78
CA LYS B 443 9.83 -32.43 -8.90
C LYS B 443 9.76 -30.96 -9.26
N THR B 444 10.82 -30.22 -9.00
CA THR B 444 10.84 -28.81 -9.40
C THR B 444 11.98 -28.49 -10.36
N SER B 445 12.86 -29.47 -10.61
CA SER B 445 13.82 -29.29 -11.69
C SER B 445 14.15 -30.62 -12.32
N TYR B 446 14.71 -30.53 -13.53
CA TYR B 446 14.88 -31.66 -14.42
C TYR B 446 16.25 -31.56 -15.06
#